data_1UNL
#
_entry.id   1UNL
#
_cell.length_a   117.988
_cell.length_b   117.988
_cell.length_c   156.167
_cell.angle_alpha   90.00
_cell.angle_beta   90.00
_cell.angle_gamma   120.00
#
_symmetry.space_group_name_H-M   'P 32 2 1'
#
loop_
_entity.id
_entity.type
_entity.pdbx_description
1 polymer 'CYCLIN-DEPENDENT KINASE 5'
2 polymer 'CYCLIN-DEPENDENT KINASE 5 ACTIVATOR 1'
3 non-polymer R-ROSCOVITINE
4 water water
#
loop_
_entity_poly.entity_id
_entity_poly.type
_entity_poly.pdbx_seq_one_letter_code
_entity_poly.pdbx_strand_id
1 'polypeptide(L)'
;MQKYEKLEKIGEGTYGTVFKAKNRETHEIVALKRVRLDDDDEGVPSSALREICLLKELKHKNIVRLHDVLHSDKKLTLVF
EFCDQDLKKYFDSCNGDLDPEIVKSFLFQLLKGLGFCHSRNVLHRDLKPQNLLINRNGELKLANFGLARAFGIPVRCYSA
EVVTLWYRPPDVLFGAKLYSTSIDMWSAGCIFAELANAGRPLFPGNDVDDQLKRIFRLLGTPTEEQWPSMTKLPDYKPYP
MYPATTSLVNVVPKLNATGRDLLQNLLKCNPVQRISAEEALQHPYFSDFCPP
;
A,B
2 'polypeptide(L)'
;QPPPAQPPAPPASQLSGSQTGGSSSVKKAPHPAVTSAGTPKRVIVQASTSELLRCLGEFLCRRCYRLKHLSPTDPVLWLR
SVDRSLLLQGWQDQGFITPANVVFLYMLCRDVISSEVGSDHELQAVLLTCLYLSYSYMGNEISYPLKPFLVESCKEAFWD
RCLSVINLMSSKMLQINADPHYFTQVFSDLKNESGQEDKKRLLLGLDR
;
D,E
#
loop_
_chem_comp.id
_chem_comp.type
_chem_comp.name
_chem_comp.formula
RRC non-polymer R-ROSCOVITINE 'C19 H26 N6 O'
#
# COMPACT_ATOMS: atom_id res chain seq x y z
N MET A 1 -37.32 -46.63 22.37
CA MET A 1 -37.51 -47.81 21.43
C MET A 1 -38.04 -49.03 22.20
N GLN A 2 -37.95 -50.23 21.61
CA GLN A 2 -38.24 -51.49 22.30
C GLN A 2 -36.97 -52.29 22.67
N LYS A 3 -35.89 -52.00 21.97
CA LYS A 3 -34.58 -52.50 22.35
C LYS A 3 -33.99 -51.73 23.55
N TYR A 4 -34.51 -50.54 23.86
CA TYR A 4 -33.90 -49.69 24.87
C TYR A 4 -34.85 -49.32 26.00
N GLU A 5 -34.37 -49.36 27.25
CA GLU A 5 -35.12 -48.95 28.43
C GLU A 5 -34.72 -47.54 28.80
N LYS A 6 -35.71 -46.67 28.94
CA LYS A 6 -35.45 -45.28 29.26
C LYS A 6 -35.21 -45.19 30.76
N LEU A 7 -34.12 -44.56 31.15
CA LEU A 7 -33.73 -44.42 32.56
C LEU A 7 -34.07 -43.01 33.10
N GLU A 8 -33.79 -42.00 32.29
CA GLU A 8 -34.17 -40.63 32.66
C GLU A 8 -34.00 -39.65 31.50
N LYS A 9 -34.56 -38.46 31.67
CA LYS A 9 -34.50 -37.41 30.69
C LYS A 9 -33.34 -36.49 31.00
N ILE A 10 -32.43 -36.37 30.06
CA ILE A 10 -31.24 -35.54 30.18
C ILE A 10 -31.56 -34.09 29.90
N GLY A 11 -32.43 -33.88 28.90
CA GLY A 11 -32.86 -32.52 28.52
C GLY A 11 -33.44 -32.41 27.11
N GLU A 12 -33.59 -31.18 26.63
CA GLU A 12 -33.99 -30.95 25.25
C GLU A 12 -32.82 -30.54 24.43
N GLY A 13 -32.70 -31.08 23.23
CA GLY A 13 -31.65 -30.64 22.31
C GLY A 13 -32.18 -29.59 21.33
N THR A 14 -31.43 -29.33 20.27
CA THR A 14 -31.81 -28.34 19.27
C THR A 14 -33.04 -28.76 18.51
N TYR A 15 -33.24 -30.06 18.35
CA TYR A 15 -34.40 -30.51 17.62
C TYR A 15 -35.16 -31.67 18.26
N GLY A 16 -34.67 -32.23 19.36
CA GLY A 16 -35.43 -33.30 20.03
C GLY A 16 -35.28 -33.43 21.54
N THR A 17 -35.78 -34.53 22.09
CA THR A 17 -35.56 -34.90 23.50
C THR A 17 -34.40 -35.90 23.67
N VAL A 18 -33.55 -35.68 24.67
CA VAL A 18 -32.41 -36.54 24.97
C VAL A 18 -32.65 -37.36 26.25
N PHE A 19 -32.55 -38.69 26.13
CA PHE A 19 -32.67 -39.63 27.25
C PHE A 19 -31.41 -40.44 27.50
N LYS A 20 -31.22 -40.81 28.76
CA LYS A 20 -30.26 -41.85 29.14
C LYS A 20 -30.99 -43.16 29.08
N ALA A 21 -30.43 -44.14 28.40
CA ALA A 21 -31.12 -45.42 28.23
C ALA A 21 -30.18 -46.63 28.34
N LYS A 22 -30.75 -47.82 28.49
CA LYS A 22 -29.97 -49.04 28.55
C LYS A 22 -30.40 -49.96 27.41
N ASN A 23 -29.44 -50.53 26.69
CA ASN A 23 -29.68 -51.54 25.68
C ASN A 23 -30.11 -52.82 26.37
N ARG A 24 -31.34 -53.27 26.13
CA ARG A 24 -31.90 -54.44 26.83
C ARG A 24 -31.20 -55.76 26.49
N GLU A 25 -30.36 -55.79 25.46
CA GLU A 25 -29.68 -57.02 25.04
C GLU A 25 -28.22 -57.08 25.46
N THR A 26 -27.50 -55.98 25.36
CA THR A 26 -26.07 -55.93 25.74
C THR A 26 -25.83 -55.29 27.11
N HIS A 27 -26.90 -54.74 27.71
CA HIS A 27 -26.85 -53.98 28.98
C HIS A 27 -26.03 -52.71 28.97
N GLU A 28 -25.62 -52.25 27.79
CA GLU A 28 -24.84 -51.01 27.70
C GLU A 28 -25.72 -49.76 27.87
N ILE A 29 -25.15 -48.74 28.51
CA ILE A 29 -25.80 -47.46 28.70
C ILE A 29 -25.51 -46.60 27.47
N VAL A 30 -26.57 -46.03 26.91
CA VAL A 30 -26.46 -45.15 25.75
C VAL A 30 -27.26 -43.86 25.97
N ALA A 31 -27.12 -42.91 25.05
CA ALA A 31 -28.01 -41.77 24.98
C ALA A 31 -28.88 -41.85 23.72
N LEU A 32 -30.19 -41.65 23.89
CA LEU A 32 -31.14 -41.54 22.79
C LEU A 32 -31.58 -40.08 22.53
N LYS A 33 -31.57 -39.67 21.26
CA LYS A 33 -32.18 -38.42 20.78
C LYS A 33 -33.44 -38.87 20.00
N ARG A 34 -34.60 -38.49 20.51
CA ARG A 34 -35.87 -38.81 19.90
C ARG A 34 -36.44 -37.59 19.17
N VAL A 35 -36.99 -37.84 18.00
CA VAL A 35 -37.41 -36.79 17.09
C VAL A 35 -38.77 -37.21 16.62
N ARG A 36 -39.75 -36.34 16.84
CA ARG A 36 -41.10 -36.55 16.38
C ARG A 36 -41.22 -36.25 14.89
N LEU A 37 -41.93 -37.10 14.16
CA LEU A 37 -42.06 -37.02 12.70
C LEU A 37 -43.45 -36.54 12.21
N ASP A 38 -44.43 -36.53 13.11
CA ASP A 38 -45.77 -35.98 12.85
C ASP A 38 -45.91 -34.56 13.45
N ASP A 39 -45.11 -33.66 12.88
CA ASP A 39 -44.95 -32.32 13.42
C ASP A 39 -46.15 -31.38 13.40
N ASP A 40 -46.11 -30.45 14.36
CA ASP A 40 -46.76 -29.14 14.30
C ASP A 40 -45.60 -28.10 14.42
N ASP A 41 -44.37 -28.61 14.62
CA ASP A 41 -43.12 -27.83 14.61
C ASP A 41 -42.34 -28.38 13.42
N GLU A 42 -42.53 -27.71 12.28
CA GLU A 42 -42.59 -28.40 10.98
C GLU A 42 -41.23 -28.88 10.42
N GLY A 43 -40.16 -28.21 10.77
CA GLY A 43 -38.88 -28.43 10.11
C GLY A 43 -37.84 -29.31 10.81
N VAL A 44 -38.26 -29.96 11.90
CA VAL A 44 -37.30 -30.53 12.87
C VAL A 44 -36.54 -31.74 12.29
N PRO A 45 -37.24 -32.64 11.60
CA PRO A 45 -36.58 -33.76 10.93
C PRO A 45 -35.38 -33.33 10.05
N SER A 46 -35.45 -32.18 9.41
CA SER A 46 -34.41 -31.69 8.50
C SER A 46 -33.03 -31.61 9.12
N SER A 47 -32.96 -30.98 10.30
CA SER A 47 -31.69 -30.88 11.02
C SER A 47 -31.18 -32.23 11.52
N ALA A 48 -32.11 -33.13 11.86
CA ALA A 48 -31.79 -34.46 12.36
C ALA A 48 -31.16 -35.30 11.23
N LEU A 49 -31.75 -35.23 10.04
CA LEU A 49 -31.23 -35.95 8.91
C LEU A 49 -29.83 -35.48 8.55
N ARG A 50 -29.60 -34.18 8.70
CA ARG A 50 -28.30 -33.61 8.46
C ARG A 50 -27.28 -34.11 9.46
N GLU A 51 -27.67 -34.13 10.73
CA GLU A 51 -26.81 -34.65 11.77
C GLU A 51 -26.43 -36.09 11.51
N ILE A 52 -27.43 -36.92 11.17
CA ILE A 52 -27.18 -38.31 10.85
C ILE A 52 -26.15 -38.44 9.68
N CYS A 53 -26.34 -37.65 8.63
CA CYS A 53 -25.48 -37.71 7.45
C CYS A 53 -24.02 -37.37 7.73
N LEU A 54 -23.82 -36.34 8.53
CA LEU A 54 -22.49 -35.92 8.93
C LEU A 54 -21.82 -36.89 9.94
N LEU A 55 -22.54 -37.28 10.98
CA LEU A 55 -21.95 -38.08 12.04
C LEU A 55 -21.61 -39.50 11.61
N LYS A 56 -22.32 -39.99 10.59
CA LYS A 56 -21.96 -41.24 9.91
C LYS A 56 -20.57 -41.19 9.30
N GLU A 57 -20.08 -40.01 9.01
CA GLU A 57 -18.81 -39.81 8.32
C GLU A 57 -17.77 -39.19 9.24
N LEU A 58 -18.15 -38.95 10.50
CA LEU A 58 -17.25 -38.34 11.46
C LEU A 58 -17.03 -39.26 12.67
N LYS A 59 -16.15 -40.22 12.52
CA LYS A 59 -15.86 -41.22 13.54
C LYS A 59 -14.49 -40.92 14.11
N HIS A 60 -14.50 -40.34 15.30
CA HIS A 60 -13.30 -39.86 16.02
C HIS A 60 -13.58 -39.84 17.52
N LYS A 61 -12.58 -40.16 18.31
CA LYS A 61 -12.77 -40.23 19.77
C LYS A 61 -13.25 -38.93 20.43
N ASN A 62 -12.96 -37.77 19.81
CA ASN A 62 -13.39 -36.49 20.37
C ASN A 62 -14.59 -35.85 19.66
N ILE A 63 -15.34 -36.67 18.94
CA ILE A 63 -16.62 -36.33 18.39
C ILE A 63 -17.64 -37.36 18.89
N VAL A 64 -18.75 -36.89 19.40
CA VAL A 64 -19.76 -37.81 19.93
C VAL A 64 -20.16 -38.83 18.86
N ARG A 65 -20.20 -40.09 19.28
CA ARG A 65 -20.37 -41.20 18.40
C ARG A 65 -21.85 -41.59 18.22
N LEU A 66 -22.29 -41.51 16.99
CA LEU A 66 -23.59 -42.03 16.61
C LEU A 66 -23.47 -43.52 16.27
N HIS A 67 -24.20 -44.35 17.02
CA HIS A 67 -24.15 -45.80 16.90
C HIS A 67 -25.21 -46.35 15.94
N ASP A 68 -26.42 -45.82 16.03
CA ASP A 68 -27.56 -46.36 15.29
C ASP A 68 -28.68 -45.34 15.12
N VAL A 69 -29.55 -45.60 14.15
CA VAL A 69 -30.74 -44.82 13.95
C VAL A 69 -31.92 -45.75 13.76
N LEU A 70 -32.95 -45.52 14.53
CA LEU A 70 -34.12 -46.35 14.50
C LEU A 70 -35.33 -45.51 14.12
N HIS A 71 -36.20 -46.15 13.37
CA HIS A 71 -37.41 -45.55 12.92
C HIS A 71 -38.54 -46.46 13.29
N SER A 72 -39.15 -45.97 14.39
CA SER A 72 -40.19 -46.72 14.99
C SER A 72 -41.36 -45.98 15.59
N ASP A 73 -41.68 -44.84 15.07
CA ASP A 73 -43.12 -44.97 15.07
C ASP A 73 -43.76 -43.85 14.29
N LYS A 74 -43.51 -42.82 14.79
CA LYS A 74 -43.87 -41.60 14.35
C LYS A 74 -42.59 -40.94 14.91
N LYS A 75 -41.53 -41.82 15.28
CA LYS A 75 -40.34 -41.13 15.76
C LYS A 75 -39.09 -41.68 15.12
N LEU A 76 -38.10 -40.83 15.03
CA LEU A 76 -36.74 -41.21 14.72
C LEU A 76 -35.97 -41.19 16.06
N THR A 77 -35.33 -42.31 16.40
CA THR A 77 -34.43 -42.39 17.54
C THR A 77 -32.99 -42.54 17.10
N LEU A 78 -32.16 -41.55 17.42
CA LEU A 78 -30.73 -41.64 17.22
C LEU A 78 -30.03 -42.17 18.50
N VAL A 79 -29.23 -43.21 18.34
CA VAL A 79 -28.55 -43.86 19.46
C VAL A 79 -27.09 -43.41 19.46
N PHE A 80 -26.70 -42.74 20.53
CA PHE A 80 -25.37 -42.19 20.72
C PHE A 80 -24.70 -42.84 21.95
N GLU A 81 -23.39 -42.76 22.01
CA GLU A 81 -22.67 -42.98 23.26
C GLU A 81 -23.22 -42.01 24.34
N PHE A 82 -23.25 -42.47 25.58
CA PHE A 82 -23.65 -41.62 26.70
C PHE A 82 -22.43 -40.92 27.27
N CYS A 83 -22.56 -39.62 27.52
CA CYS A 83 -21.54 -38.85 28.27
C CYS A 83 -22.11 -38.24 29.55
N ASP A 84 -21.30 -38.09 30.58
CA ASP A 84 -21.82 -37.83 31.95
C ASP A 84 -22.35 -36.42 32.11
N GLN A 85 -21.66 -35.47 31.51
CA GLN A 85 -22.02 -34.07 31.63
C GLN A 85 -21.54 -33.20 30.49
N ASP A 86 -22.13 -32.03 30.36
CA ASP A 86 -21.58 -31.05 29.45
C ASP A 86 -20.69 -30.07 30.18
N LEU A 87 -19.91 -29.30 29.41
CA LEU A 87 -18.88 -28.42 30.02
C LEU A 87 -19.56 -27.33 30.86
N LYS A 88 -20.76 -26.91 30.45
CA LYS A 88 -21.50 -25.87 31.18
C LYS A 88 -21.86 -26.33 32.59
N LYS A 89 -22.34 -27.55 32.71
CA LYS A 89 -22.63 -28.16 34.01
C LYS A 89 -21.35 -28.48 34.81
N TYR A 90 -20.28 -28.84 34.10
CA TYR A 90 -18.99 -29.17 34.70
C TYR A 90 -18.47 -27.86 35.38
N PHE A 91 -18.70 -26.72 34.74
CA PHE A 91 -18.30 -25.44 35.33
C PHE A 91 -19.02 -25.21 36.66
N ASP A 92 -20.31 -25.54 36.73
CA ASP A 92 -21.10 -25.43 37.97
C ASP A 92 -20.67 -26.40 39.09
N SER A 93 -20.20 -27.58 38.71
CA SER A 93 -19.78 -28.60 39.66
C SER A 93 -18.44 -28.30 40.28
N CYS A 94 -17.59 -27.56 39.59
CA CYS A 94 -16.24 -27.30 40.11
C CYS A 94 -16.03 -25.82 40.41
N ASN A 95 -17.14 -25.10 40.59
CA ASN A 95 -17.10 -23.67 40.94
C ASN A 95 -16.27 -22.87 39.94
N GLY A 96 -16.34 -23.25 38.66
CA GLY A 96 -15.56 -22.68 37.58
C GLY A 96 -14.04 -22.64 37.72
N ASP A 97 -13.49 -23.54 38.51
CA ASP A 97 -12.08 -23.56 38.86
C ASP A 97 -11.48 -24.88 38.35
N LEU A 98 -10.94 -24.84 37.13
CA LEU A 98 -10.24 -25.98 36.55
C LEU A 98 -8.75 -25.90 36.85
N ASP A 99 -8.11 -27.04 37.11
CA ASP A 99 -6.66 -27.11 37.15
C ASP A 99 -6.12 -26.82 35.75
N PRO A 100 -4.99 -26.12 35.67
CA PRO A 100 -4.33 -25.83 34.40
C PRO A 100 -4.11 -27.01 33.48
N GLU A 101 -3.86 -28.17 34.04
CA GLU A 101 -3.65 -29.36 33.22
C GLU A 101 -4.95 -29.87 32.59
N ILE A 102 -6.09 -29.72 33.28
CA ILE A 102 -7.39 -30.01 32.71
C ILE A 102 -7.81 -28.98 31.67
N VAL A 103 -7.52 -27.71 31.93
CA VAL A 103 -7.63 -26.69 30.88
C VAL A 103 -6.92 -27.11 29.56
N LYS A 104 -5.69 -27.59 29.68
CA LYS A 104 -4.90 -28.00 28.52
C LYS A 104 -5.53 -29.22 27.85
N SER A 105 -5.93 -30.18 28.66
CA SER A 105 -6.48 -31.44 28.18
C SER A 105 -7.75 -31.19 27.41
N PHE A 106 -8.66 -30.40 27.97
CA PHE A 106 -9.92 -30.06 27.30
C PHE A 106 -9.69 -29.31 25.96
N LEU A 107 -8.77 -28.36 25.92
CA LEU A 107 -8.51 -27.69 24.67
C LEU A 107 -7.93 -28.57 23.60
N PHE A 108 -6.94 -29.35 24.00
CA PHE A 108 -6.29 -30.34 23.15
C PHE A 108 -7.34 -31.28 22.47
N GLN A 109 -8.25 -31.81 23.28
CA GLN A 109 -9.25 -32.75 22.82
C GLN A 109 -10.28 -32.06 21.93
N LEU A 110 -10.68 -30.85 22.32
CA LEU A 110 -11.49 -30.04 21.45
C LEU A 110 -10.84 -29.77 20.06
N LEU A 111 -9.56 -29.45 20.05
CA LEU A 111 -8.82 -29.17 18.81
C LEU A 111 -8.61 -30.40 17.95
N LYS A 112 -8.41 -31.55 18.57
CA LYS A 112 -8.37 -32.82 17.84
C LYS A 112 -9.68 -33.16 17.12
N GLY A 113 -10.80 -33.01 17.81
CA GLY A 113 -12.11 -33.25 17.25
C GLY A 113 -12.48 -32.27 16.14
N LEU A 114 -12.20 -31.02 16.40
CA LEU A 114 -12.37 -29.95 15.44
C LEU A 114 -11.44 -30.05 14.25
N GLY A 115 -10.18 -30.40 14.47
CA GLY A 115 -9.25 -30.67 13.38
C GLY A 115 -9.76 -31.79 12.46
N PHE A 116 -10.34 -32.83 13.06
CA PHE A 116 -10.83 -33.97 12.30
C PHE A 116 -12.02 -33.54 11.42
N CYS A 117 -12.95 -32.78 12.01
CA CYS A 117 -14.11 -32.22 11.26
C CYS A 117 -13.63 -31.38 10.11
N HIS A 118 -12.74 -30.42 10.39
CA HIS A 118 -12.20 -29.53 9.34
C HIS A 118 -11.48 -30.28 8.21
N SER A 119 -10.69 -31.30 8.55
CA SER A 119 -9.93 -32.06 7.53
C SER A 119 -10.88 -32.92 6.67
N ARG A 120 -12.07 -33.23 7.19
CA ARG A 120 -13.11 -33.98 6.45
C ARG A 120 -14.13 -33.03 5.80
N ASN A 121 -13.80 -31.75 5.78
CA ASN A 121 -14.64 -30.69 5.17
C ASN A 121 -16.01 -30.47 5.82
N VAL A 122 -16.04 -30.45 7.14
CA VAL A 122 -17.22 -30.13 7.93
C VAL A 122 -16.96 -28.95 8.90
N LEU A 123 -17.86 -27.98 8.88
CA LEU A 123 -17.93 -26.88 9.84
C LEU A 123 -18.97 -27.19 10.90
N HIS A 124 -18.64 -26.95 12.18
CA HIS A 124 -19.55 -27.24 13.26
C HIS A 124 -20.56 -26.14 13.47
N ARG A 125 -20.07 -24.91 13.58
CA ARG A 125 -20.86 -23.66 13.58
C ARG A 125 -21.72 -23.41 14.82
N ASP A 126 -21.53 -24.19 15.86
CA ASP A 126 -22.25 -24.03 17.11
C ASP A 126 -21.33 -24.42 18.29
N LEU A 127 -20.09 -24.07 18.20
CA LEU A 127 -19.16 -24.36 19.28
C LEU A 127 -19.45 -23.52 20.52
N LYS A 128 -19.90 -24.16 21.59
CA LYS A 128 -20.09 -23.55 22.89
C LYS A 128 -20.04 -24.66 23.98
N PRO A 129 -19.85 -24.28 25.26
CA PRO A 129 -19.68 -25.26 26.33
C PRO A 129 -20.75 -26.32 26.39
N GLN A 130 -22.01 -25.96 26.19
CA GLN A 130 -23.08 -26.94 26.28
C GLN A 130 -23.00 -27.99 25.16
N ASN A 131 -22.27 -27.68 24.09
CA ASN A 131 -22.11 -28.64 23.02
C ASN A 131 -20.85 -29.43 23.18
N LEU A 132 -20.18 -29.26 24.32
CA LEU A 132 -19.03 -30.06 24.64
C LEU A 132 -19.37 -31.04 25.78
N LEU A 133 -19.27 -32.35 25.47
CA LEU A 133 -19.56 -33.38 26.46
C LEU A 133 -18.32 -33.93 27.10
N ILE A 134 -18.40 -34.14 28.41
CA ILE A 134 -17.28 -34.58 29.23
C ILE A 134 -17.62 -35.90 29.90
N ASN A 135 -16.66 -36.82 29.88
CA ASN A 135 -16.72 -38.11 30.57
C ASN A 135 -15.99 -38.09 31.86
N ARG A 136 -16.30 -39.04 32.73
CA ARG A 136 -15.57 -39.15 34.01
C ARG A 136 -14.08 -39.55 33.81
N ASN A 137 -13.85 -40.31 32.74
CA ASN A 137 -12.52 -40.47 32.12
C ASN A 137 -11.77 -39.15 31.95
N GLY A 138 -12.49 -38.07 31.72
CA GLY A 138 -11.87 -36.79 31.38
C GLY A 138 -11.74 -36.63 29.87
N GLU A 139 -12.48 -37.43 29.12
CA GLU A 139 -12.54 -37.33 27.67
C GLU A 139 -13.56 -36.27 27.26
N LEU A 140 -13.23 -35.49 26.26
CA LEU A 140 -14.11 -34.43 25.78
C LEU A 140 -14.56 -34.74 24.37
N LYS A 141 -15.84 -34.53 24.13
CA LYS A 141 -16.44 -34.84 22.85
C LYS A 141 -17.26 -33.67 22.33
N LEU A 142 -17.03 -33.34 21.08
CA LEU A 142 -17.81 -32.35 20.38
C LEU A 142 -19.16 -32.97 20.00
N ALA A 143 -20.25 -32.31 20.37
CA ALA A 143 -21.58 -32.84 20.06
C ALA A 143 -22.43 -31.80 19.39
N ASN A 144 -23.59 -32.28 18.96
CA ASN A 144 -24.69 -31.46 18.45
C ASN A 144 -24.33 -30.79 17.15
N PHE A 145 -24.44 -31.57 16.09
CA PHE A 145 -24.08 -31.19 14.72
C PHE A 145 -25.25 -30.73 13.87
N GLY A 146 -26.31 -30.27 14.54
CA GLY A 146 -27.54 -29.90 13.86
C GLY A 146 -27.42 -28.59 13.10
N LEU A 147 -26.45 -27.78 13.47
CA LEU A 147 -26.16 -26.54 12.75
C LEU A 147 -24.93 -26.67 11.86
N ALA A 148 -24.35 -27.84 11.80
CA ALA A 148 -23.11 -28.06 11.07
C ALA A 148 -23.41 -28.22 9.60
N ARG A 149 -22.40 -28.09 8.78
CA ARG A 149 -22.52 -28.37 7.33
C ARG A 149 -21.23 -28.79 6.67
N ALA A 150 -21.35 -29.63 5.64
CA ALA A 150 -20.25 -29.83 4.72
C ALA A 150 -19.96 -28.55 3.93
N PHE A 151 -18.69 -28.37 3.55
CA PHE A 151 -18.29 -27.24 2.73
C PHE A 151 -17.30 -27.68 1.64
N GLY A 152 -17.24 -26.90 0.56
CA GLY A 152 -16.35 -27.16 -0.56
C GLY A 152 -16.99 -26.93 -1.92
N ILE A 153 -18.28 -27.28 -2.03
CA ILE A 153 -19.01 -27.12 -3.28
C ILE A 153 -19.19 -25.62 -3.52
N PRO A 154 -19.13 -25.16 -4.78
CA PRO A 154 -19.36 -23.74 -5.09
C PRO A 154 -20.71 -23.30 -4.52
N VAL A 155 -20.70 -22.18 -3.80
CA VAL A 155 -21.91 -21.68 -3.17
C VAL A 155 -21.91 -20.15 -3.26
N ARG A 156 -23.09 -19.58 -3.48
CA ARG A 156 -23.28 -18.12 -3.49
C ARG A 156 -22.90 -17.54 -2.12
N CYS A 157 -23.49 -18.11 -1.07
CA CYS A 157 -23.19 -17.73 0.30
C CYS A 157 -23.65 -18.78 1.30
N TYR A 158 -23.12 -18.70 2.50
CA TYR A 158 -23.61 -19.40 3.65
C TYR A 158 -24.42 -18.45 4.50
N SER A 159 -25.11 -18.98 5.50
CA SER A 159 -25.86 -18.16 6.42
C SER A 159 -24.90 -17.46 7.34
N ALA A 160 -25.12 -16.16 7.57
CA ALA A 160 -24.36 -15.40 8.59
C ALA A 160 -25.02 -15.51 9.93
N GLU A 161 -26.17 -16.16 10.01
CA GLU A 161 -26.90 -16.29 11.29
C GLU A 161 -26.54 -17.61 11.89
N VAL A 162 -25.23 -17.77 12.14
CA VAL A 162 -24.70 -19.02 12.72
C VAL A 162 -23.79 -18.71 13.90
N VAL A 163 -23.65 -19.69 14.77
CA VAL A 163 -22.97 -19.53 16.03
C VAL A 163 -23.82 -18.69 17.01
N THR A 164 -24.08 -19.19 18.21
CA THR A 164 -24.59 -18.37 19.31
C THR A 164 -23.75 -17.06 19.44
N LEU A 165 -24.44 -15.93 19.63
CA LEU A 165 -23.85 -14.60 19.55
C LEU A 165 -22.50 -14.48 20.28
N TRP A 166 -22.45 -14.97 21.52
CA TRP A 166 -21.26 -14.84 22.37
C TRP A 166 -19.99 -15.48 21.80
N TYR A 167 -20.18 -16.44 20.86
CA TYR A 167 -19.10 -17.22 20.30
C TYR A 167 -18.86 -16.93 18.80
N ARG A 168 -19.54 -15.93 18.28
CA ARG A 168 -19.47 -15.61 16.88
C ARG A 168 -18.28 -14.66 16.58
N PRO A 169 -17.54 -14.96 15.51
CA PRO A 169 -16.40 -14.14 15.13
C PRO A 169 -16.80 -12.78 14.55
N PRO A 170 -15.89 -11.80 14.62
CA PRO A 170 -16.16 -10.46 14.08
C PRO A 170 -16.57 -10.42 12.60
N ASP A 171 -15.99 -11.25 11.75
CA ASP A 171 -16.31 -11.23 10.33
C ASP A 171 -17.79 -11.63 10.08
N VAL A 172 -18.26 -12.62 10.81
CA VAL A 172 -19.65 -13.07 10.73
C VAL A 172 -20.59 -12.04 11.40
N LEU A 173 -20.11 -11.38 12.45
CA LEU A 173 -20.83 -10.25 13.04
C LEU A 173 -20.93 -9.04 12.09
N PHE A 174 -19.95 -8.90 11.21
CA PHE A 174 -19.99 -7.89 10.16
C PHE A 174 -20.74 -8.42 8.91
N GLY A 175 -21.32 -9.61 9.02
CA GLY A 175 -22.19 -10.16 8.01
C GLY A 175 -21.52 -10.92 6.89
N ALA A 176 -20.33 -11.46 7.14
CA ALA A 176 -19.60 -12.20 6.11
C ALA A 176 -20.47 -13.37 5.65
N LYS A 177 -20.59 -13.54 4.34
CA LYS A 177 -21.41 -14.61 3.77
C LYS A 177 -20.56 -15.85 3.45
N LEU A 178 -19.26 -15.68 3.37
CA LEU A 178 -18.32 -16.78 3.12
C LEU A 178 -17.33 -16.79 4.24
N TYR A 179 -17.24 -17.93 4.89
CA TYR A 179 -16.26 -18.18 5.89
C TYR A 179 -15.82 -19.63 5.74
N SER A 180 -14.70 -19.95 6.37
CA SER A 180 -14.05 -21.25 6.26
C SER A 180 -14.10 -21.88 7.64
N THR A 181 -13.14 -22.77 7.86
CA THR A 181 -12.91 -23.40 9.13
C THR A 181 -12.58 -22.41 10.25
N SER A 182 -12.22 -21.17 9.88
CA SER A 182 -11.89 -20.12 10.83
C SER A 182 -13.02 -19.79 11.83
N ILE A 183 -14.25 -20.00 11.38
CA ILE A 183 -15.41 -19.70 12.18
C ILE A 183 -15.39 -20.44 13.51
N ASP A 184 -15.05 -21.73 13.45
CA ASP A 184 -15.00 -22.58 14.63
C ASP A 184 -13.75 -22.33 15.48
N MET A 185 -12.65 -21.88 14.84
CA MET A 185 -11.43 -21.48 15.58
C MET A 185 -11.60 -20.30 16.54
N TRP A 186 -12.35 -19.28 16.14
CA TRP A 186 -12.74 -18.19 17.02
C TRP A 186 -13.49 -18.69 18.26
N SER A 187 -14.52 -19.52 18.02
CA SER A 187 -15.35 -20.06 19.08
C SER A 187 -14.49 -20.90 20.04
N ALA A 188 -13.46 -21.59 19.52
CA ALA A 188 -12.65 -22.42 20.38
C ALA A 188 -11.80 -21.51 21.30
N GLY A 189 -11.38 -20.35 20.77
CA GLY A 189 -10.65 -19.34 21.52
C GLY A 189 -11.50 -18.79 22.66
N CYS A 190 -12.77 -18.57 22.37
CA CYS A 190 -13.75 -18.12 23.36
C CYS A 190 -13.89 -19.13 24.51
N ILE A 191 -13.98 -20.41 24.14
CA ILE A 191 -14.03 -21.48 25.15
C ILE A 191 -12.76 -21.59 25.96
N PHE A 192 -11.61 -21.53 25.28
CA PHE A 192 -10.30 -21.48 25.93
C PHE A 192 -10.26 -20.46 27.07
N ALA A 193 -10.72 -19.25 26.82
CA ALA A 193 -10.79 -18.17 27.80
C ALA A 193 -11.69 -18.49 29.02
N GLU A 194 -12.81 -19.19 28.78
CA GLU A 194 -13.72 -19.61 29.86
C GLU A 194 -13.01 -20.66 30.76
N LEU A 195 -12.40 -21.65 30.12
CA LEU A 195 -11.59 -22.70 30.75
C LEU A 195 -10.50 -22.09 31.64
N ALA A 196 -9.80 -21.11 31.09
CA ALA A 196 -8.58 -20.54 31.67
C ALA A 196 -8.85 -19.40 32.69
N ASN A 197 -10.14 -19.18 32.98
CA ASN A 197 -10.57 -18.19 33.95
C ASN A 197 -11.52 -18.79 35.03
N ALA A 198 -12.81 -18.82 34.76
CA ALA A 198 -13.77 -18.92 35.99
C ALA A 198 -15.03 -19.48 35.33
N GLY A 199 -14.84 -19.94 34.10
CA GLY A 199 -15.86 -20.48 33.25
C GLY A 199 -17.04 -19.57 32.86
N ARG A 200 -16.78 -18.27 32.72
CA ARG A 200 -17.81 -17.33 32.27
C ARG A 200 -17.42 -16.86 30.87
N PRO A 201 -18.40 -16.65 30.01
CA PRO A 201 -18.13 -16.18 28.64
C PRO A 201 -17.27 -14.92 28.65
N LEU A 202 -16.24 -14.90 27.82
CA LEU A 202 -15.42 -13.73 27.63
C LEU A 202 -16.19 -12.53 27.09
N PHE A 203 -17.04 -12.76 26.09
CA PHE A 203 -17.75 -11.70 25.42
C PHE A 203 -19.28 -11.88 25.47
N PRO A 204 -19.91 -11.60 26.59
CA PRO A 204 -21.37 -11.78 26.72
C PRO A 204 -22.14 -10.56 26.21
N GLY A 205 -22.11 -10.31 24.90
CA GLY A 205 -22.84 -9.16 24.37
C GLY A 205 -24.36 -9.34 24.36
N ASN A 206 -25.09 -8.23 24.41
CA ASN A 206 -26.56 -8.22 24.36
C ASN A 206 -27.12 -8.22 22.94
N ASP A 207 -26.29 -7.84 21.96
CA ASP A 207 -26.70 -7.80 20.55
C ASP A 207 -25.43 -7.75 19.69
N VAL A 208 -25.55 -7.63 18.37
CA VAL A 208 -24.40 -7.61 17.49
C VAL A 208 -23.44 -6.43 17.76
N ASP A 209 -23.98 -5.24 18.01
CA ASP A 209 -23.17 -4.06 18.22
C ASP A 209 -22.32 -4.19 19.51
N ASP A 210 -22.99 -4.55 20.60
CA ASP A 210 -22.38 -4.83 21.89
C ASP A 210 -21.32 -5.93 21.81
N GLN A 211 -21.57 -6.94 20.99
CA GLN A 211 -20.67 -8.05 20.87
C GLN A 211 -19.34 -7.58 20.24
N LEU A 212 -19.47 -6.84 19.13
CA LEU A 212 -18.32 -6.31 18.44
C LEU A 212 -17.51 -5.35 19.32
N LYS A 213 -18.20 -4.53 20.09
CA LYS A 213 -17.54 -3.61 21.02
C LYS A 213 -16.75 -4.34 22.10
N ARG A 214 -17.37 -5.36 22.70
CA ARG A 214 -16.67 -6.18 23.69
C ARG A 214 -15.39 -6.80 23.16
N ILE A 215 -15.45 -7.31 21.94
CA ILE A 215 -14.33 -7.95 21.34
C ILE A 215 -13.22 -6.89 21.13
N PHE A 216 -13.57 -5.75 20.53
CA PHE A 216 -12.58 -4.73 20.13
C PHE A 216 -11.99 -4.04 21.37
N ARG A 217 -12.78 -3.92 22.41
CA ARG A 217 -12.37 -3.27 23.65
C ARG A 217 -11.25 -4.05 24.33
N LEU A 218 -11.29 -5.38 24.22
CA LEU A 218 -10.24 -6.21 24.80
C LEU A 218 -9.04 -6.42 23.88
N LEU A 219 -9.32 -6.69 22.61
CA LEU A 219 -8.33 -7.18 21.67
C LEU A 219 -7.68 -6.07 20.88
N GLY A 220 -8.40 -4.97 20.78
CA GLY A 220 -8.01 -3.82 20.02
C GLY A 220 -8.78 -3.86 18.73
N THR A 221 -8.96 -2.68 18.13
CA THR A 221 -9.67 -2.56 16.88
C THR A 221 -8.72 -2.79 15.72
N PRO A 222 -9.05 -3.75 14.85
CA PRO A 222 -8.21 -4.02 13.69
C PRO A 222 -8.10 -2.85 12.76
N THR A 223 -6.93 -2.65 12.17
CA THR A 223 -6.71 -1.57 11.22
C THR A 223 -6.90 -2.10 9.83
N GLU A 224 -6.87 -1.23 8.83
CA GLU A 224 -7.10 -1.63 7.44
C GLU A 224 -5.92 -2.50 6.98
N GLU A 225 -4.75 -2.20 7.53
CA GLU A 225 -3.54 -2.95 7.23
C GLU A 225 -3.60 -4.37 7.78
N GLN A 226 -4.15 -4.55 8.99
CA GLN A 226 -4.33 -5.88 9.54
C GLN A 226 -5.49 -6.63 8.89
N TRP A 227 -6.47 -5.88 8.37
CA TRP A 227 -7.71 -6.48 7.87
C TRP A 227 -8.34 -5.63 6.75
N PRO A 228 -7.75 -5.72 5.54
CA PRO A 228 -8.10 -4.84 4.43
C PRO A 228 -9.51 -5.03 3.90
N SER A 229 -10.10 -6.20 4.05
CA SER A 229 -11.45 -6.42 3.54
C SER A 229 -12.53 -6.16 4.59
N MET A 230 -12.15 -5.65 5.77
CA MET A 230 -13.10 -5.46 6.89
C MET A 230 -14.18 -4.43 6.54
N THR A 231 -13.78 -3.33 5.90
CA THR A 231 -14.69 -2.24 5.54
C THR A 231 -15.59 -2.59 4.37
N LYS A 232 -15.34 -3.68 3.66
CA LYS A 232 -16.12 -4.06 2.51
C LYS A 232 -17.19 -5.09 2.84
N LEU A 233 -17.27 -5.51 4.10
CA LEU A 233 -18.24 -6.51 4.51
C LEU A 233 -19.65 -5.92 4.57
N PRO A 234 -20.65 -6.76 4.36
CA PRO A 234 -22.04 -6.29 4.15
C PRO A 234 -22.65 -5.51 5.30
N ASP A 235 -22.33 -5.87 6.53
CA ASP A 235 -22.84 -5.14 7.67
C ASP A 235 -21.74 -4.38 8.44
N TYR A 236 -20.67 -3.99 7.74
CA TYR A 236 -19.63 -3.16 8.35
C TYR A 236 -20.16 -1.77 8.76
N LYS A 237 -19.74 -1.32 9.93
CA LYS A 237 -19.86 0.08 10.31
C LYS A 237 -18.64 0.49 11.11
N PRO A 238 -18.27 1.78 11.10
CA PRO A 238 -17.09 2.21 11.86
C PRO A 238 -17.25 1.99 13.36
N TYR A 239 -16.25 1.37 13.96
CA TYR A 239 -16.14 1.25 15.40
C TYR A 239 -15.05 2.22 15.91
N PRO A 240 -15.11 2.57 17.19
CA PRO A 240 -14.01 3.25 17.88
C PRO A 240 -12.73 2.42 17.78
N MET A 241 -11.58 3.08 17.75
CA MET A 241 -10.27 2.43 17.79
C MET A 241 -9.85 2.28 19.24
N TYR A 242 -9.99 1.07 19.76
CA TYR A 242 -9.50 0.74 21.09
C TYR A 242 -8.07 0.19 20.88
N PRO A 243 -7.16 0.52 21.78
CA PRO A 243 -5.75 0.11 21.63
C PRO A 243 -5.56 -1.42 21.74
N ALA A 244 -4.58 -1.92 21.00
CA ALA A 244 -4.16 -3.32 21.11
C ALA A 244 -3.15 -3.59 22.23
N THR A 245 -3.06 -2.68 23.20
CA THR A 245 -2.08 -2.73 24.25
C THR A 245 -2.69 -3.27 25.55
N THR A 246 -3.97 -3.68 25.54
CA THR A 246 -4.60 -4.19 26.76
C THR A 246 -4.12 -5.61 27.14
N SER A 247 -3.69 -5.78 28.39
CA SER A 247 -3.10 -7.06 28.84
C SER A 247 -4.15 -8.16 28.99
N LEU A 248 -3.79 -9.37 28.58
CA LEU A 248 -4.68 -10.54 28.74
C LEU A 248 -4.46 -11.31 30.05
N VAL A 249 -3.46 -10.88 30.81
CA VAL A 249 -2.99 -11.57 31.99
C VAL A 249 -4.09 -11.87 32.99
N ASN A 250 -4.87 -10.86 33.34
CA ASN A 250 -5.95 -11.01 34.32
C ASN A 250 -7.25 -11.60 33.71
N VAL A 251 -7.32 -11.69 32.39
CA VAL A 251 -8.47 -12.23 31.70
C VAL A 251 -8.41 -13.75 31.67
N VAL A 252 -7.21 -14.30 31.56
CA VAL A 252 -6.94 -15.72 31.62
C VAL A 252 -5.79 -16.06 32.62
N PRO A 253 -6.05 -15.97 33.93
CA PRO A 253 -5.02 -16.09 34.96
C PRO A 253 -4.39 -17.47 35.06
N LYS A 254 -5.04 -18.49 34.53
CA LYS A 254 -4.53 -19.85 34.57
C LYS A 254 -3.47 -20.09 33.47
N LEU A 255 -3.33 -19.14 32.56
CA LEU A 255 -2.44 -19.25 31.43
C LEU A 255 -1.13 -18.48 31.64
N ASN A 256 -0.08 -19.15 31.21
CA ASN A 256 1.25 -18.63 31.04
C ASN A 256 1.38 -17.82 29.73
N ALA A 257 2.59 -17.26 29.48
CA ALA A 257 2.88 -16.63 28.17
C ALA A 257 2.54 -17.52 26.96
N THR A 258 2.86 -18.80 27.04
CA THR A 258 2.62 -19.72 25.91
C THR A 258 1.13 -19.92 25.66
N GLY A 259 0.37 -19.94 26.74
CA GLY A 259 -1.04 -20.08 26.68
C GLY A 259 -1.73 -18.84 26.14
N ARG A 260 -1.28 -17.68 26.57
CA ARG A 260 -1.77 -16.41 26.08
C ARG A 260 -1.46 -16.22 24.58
N ASP A 261 -0.30 -16.67 24.12
CA ASP A 261 0.03 -16.64 22.69
C ASP A 261 -0.91 -17.50 21.78
N LEU A 262 -1.22 -18.70 22.24
CA LEU A 262 -2.18 -19.55 21.51
C LEU A 262 -3.58 -18.91 21.48
N LEU A 263 -4.03 -18.38 22.62
CA LEU A 263 -5.32 -17.68 22.72
C LEU A 263 -5.41 -16.53 21.70
N GLN A 264 -4.38 -15.72 21.62
CA GLN A 264 -4.34 -14.59 20.71
C GLN A 264 -4.34 -15.08 19.26
N ASN A 265 -3.75 -16.22 18.98
CA ASN A 265 -3.76 -16.82 17.66
C ASN A 265 -5.14 -17.35 17.22
N LEU A 266 -5.94 -17.80 18.17
CA LEU A 266 -7.30 -18.22 17.93
C LEU A 266 -8.20 -17.02 17.80
N LEU A 267 -7.98 -16.01 18.66
CA LEU A 267 -8.81 -14.81 18.67
C LEU A 267 -8.20 -13.68 17.82
N LYS A 268 -7.79 -14.00 16.61
CA LYS A 268 -7.55 -12.99 15.58
C LYS A 268 -8.87 -12.60 14.91
N CYS A 269 -9.09 -11.30 14.76
CA CYS A 269 -10.33 -10.78 14.15
C CYS A 269 -10.44 -11.10 12.65
N ASN A 270 -9.34 -10.95 11.91
CA ASN A 270 -9.22 -11.34 10.51
C ASN A 270 -9.16 -12.87 10.41
N PRO A 271 -10.18 -13.48 9.81
CA PRO A 271 -10.29 -14.94 9.78
C PRO A 271 -9.06 -15.59 9.08
N VAL A 272 -8.52 -14.91 8.08
CA VAL A 272 -7.36 -15.43 7.37
C VAL A 272 -6.15 -15.56 8.32
N GLN A 273 -6.09 -14.71 9.34
CA GLN A 273 -5.00 -14.69 10.33
C GLN A 273 -5.18 -15.73 11.44
N ARG A 274 -6.39 -16.30 11.56
CA ARG A 274 -6.64 -17.26 12.64
C ARG A 274 -5.91 -18.58 12.49
N ILE A 275 -5.35 -19.07 13.59
CA ILE A 275 -4.64 -20.34 13.55
C ILE A 275 -5.63 -21.47 13.23
N SER A 276 -5.17 -22.41 12.43
CA SER A 276 -5.98 -23.60 12.13
C SER A 276 -5.87 -24.59 13.31
N ALA A 277 -6.82 -25.49 13.40
CA ALA A 277 -6.80 -26.55 14.41
C ALA A 277 -5.55 -27.41 14.35
N GLU A 278 -5.09 -27.72 13.13
CA GLU A 278 -3.92 -28.51 12.89
C GLU A 278 -2.64 -27.81 13.42
N GLU A 279 -2.51 -26.53 13.16
CA GLU A 279 -1.39 -25.72 13.65
C GLU A 279 -1.50 -25.48 15.16
N ALA A 280 -2.72 -25.34 15.71
CA ALA A 280 -2.85 -25.11 17.13
C ALA A 280 -2.34 -26.30 17.92
N LEU A 281 -2.50 -27.52 17.37
CA LEU A 281 -2.06 -28.74 18.04
C LEU A 281 -0.57 -28.90 18.02
N GLN A 282 0.11 -28.18 17.12
CA GLN A 282 1.57 -28.14 17.04
C GLN A 282 2.14 -26.96 17.89
N HIS A 283 1.26 -26.21 18.53
CA HIS A 283 1.67 -25.05 19.34
C HIS A 283 2.46 -25.52 20.58
N PRO A 284 3.54 -24.85 20.96
CA PRO A 284 4.31 -25.22 22.16
C PRO A 284 3.47 -25.32 23.45
N TYR A 285 2.31 -24.73 23.49
CA TYR A 285 1.39 -24.98 24.63
C TYR A 285 1.04 -26.48 24.87
N PHE A 286 1.07 -27.30 23.81
CA PHE A 286 0.80 -28.75 23.88
C PHE A 286 2.05 -29.66 23.76
N SER A 287 3.26 -29.10 23.78
CA SER A 287 4.45 -29.86 23.45
C SER A 287 4.75 -31.00 24.46
N ASP A 288 4.49 -30.72 25.73
CA ASP A 288 4.77 -31.70 26.77
C ASP A 288 3.43 -32.18 27.27
N PHE A 289 2.84 -33.15 26.57
CA PHE A 289 1.48 -33.52 26.91
C PHE A 289 1.30 -35.03 26.83
N CYS A 290 0.07 -35.51 27.01
CA CYS A 290 -0.13 -36.93 27.41
C CYS A 290 -0.39 -37.88 26.24
N PRO A 291 -1.49 -37.70 25.52
CA PRO A 291 -1.92 -38.73 24.55
C PRO A 291 -0.86 -39.26 23.54
N PRO A 292 -0.32 -38.44 22.62
CA PRO A 292 0.54 -38.97 21.53
C PRO A 292 1.74 -39.81 22.00
N MET B 1 12.66 11.70 7.23
CA MET B 1 12.79 10.49 6.31
C MET B 1 13.20 9.24 7.10
N GLN B 2 12.73 8.07 6.70
CA GLN B 2 13.05 6.81 7.39
C GLN B 2 14.50 6.77 7.89
N LYS B 3 15.45 6.96 6.98
CA LYS B 3 16.87 7.00 7.35
C LYS B 3 17.22 8.17 8.31
N TYR B 4 16.66 9.36 8.07
CA TYR B 4 17.06 10.56 8.81
C TYR B 4 16.01 11.12 9.79
N GLU B 5 16.44 11.39 11.04
CA GLU B 5 15.59 12.05 12.04
C GLU B 5 15.63 13.56 11.86
N LYS B 6 14.47 14.20 11.92
CA LYS B 6 14.41 15.65 12.04
C LYS B 6 14.95 16.05 13.41
N LEU B 7 15.51 17.24 13.50
CA LEU B 7 16.08 17.76 14.74
C LEU B 7 15.54 19.15 15.00
N GLU B 8 15.77 20.04 14.05
CA GLU B 8 15.26 21.41 14.17
C GLU B 8 15.22 22.11 12.83
N LYS B 9 14.22 22.96 12.70
CA LYS B 9 13.91 23.67 11.46
C LYS B 9 14.88 24.82 11.46
N ILE B 10 16.15 24.53 11.19
CA ILE B 10 17.21 25.52 11.33
C ILE B 10 17.14 26.37 10.12
N GLY B 11 17.07 27.69 10.34
CA GLY B 11 17.08 28.68 9.28
C GLY B 11 16.54 28.18 7.97
N GLU B 12 15.46 27.42 8.04
CA GLU B 12 14.84 26.92 6.82
C GLU B 12 14.48 28.17 6.04
N GLY B 13 15.24 28.52 5.00
CA GLY B 13 15.04 29.82 4.39
C GLY B 13 15.57 29.97 2.99
N THR B 14 15.22 29.01 2.13
CA THR B 14 15.62 29.06 0.71
C THR B 14 14.38 28.76 -0.16
N TYR B 15 14.59 28.61 -1.46
CA TYR B 15 13.56 28.09 -2.38
C TYR B 15 12.87 26.87 -1.75
N GLY B 16 13.67 26.00 -1.10
CA GLY B 16 13.19 24.84 -0.36
C GLY B 16 13.67 24.84 1.11
N THR B 17 12.97 24.10 1.96
CA THR B 17 13.17 24.21 3.41
C THR B 17 14.33 23.36 4.00
N VAL B 18 15.19 24.02 4.77
CA VAL B 18 16.40 23.40 5.34
C VAL B 18 16.20 22.97 6.79
N PHE B 19 16.40 21.68 7.08
CA PHE B 19 16.34 21.12 8.44
C PHE B 19 17.69 20.53 8.84
N LYS B 20 18.10 20.76 10.09
CA LYS B 20 19.17 19.98 10.72
C LYS B 20 18.60 18.62 11.03
N ALA B 21 19.43 17.59 10.96
CA ALA B 21 18.94 16.23 11.03
C ALA B 21 20.03 15.26 11.40
N LYS B 22 19.62 14.02 11.64
CA LYS B 22 20.55 12.97 12.06
C LYS B 22 20.25 11.66 11.35
N ASN B 23 21.27 11.10 10.72
CA ASN B 23 21.26 9.72 10.22
C ASN B 23 20.88 8.77 11.37
N ARG B 24 20.32 7.61 11.04
CA ARG B 24 19.98 6.60 12.04
C ARG B 24 20.81 5.32 11.85
N GLU B 25 22.06 5.51 11.42
CA GLU B 25 23.03 4.42 11.24
C GLU B 25 24.45 4.85 11.69
N THR B 26 24.94 5.96 11.14
CA THR B 26 26.14 6.62 11.67
C THR B 26 25.78 7.61 12.79
N HIS B 27 24.50 7.98 12.88
CA HIS B 27 24.05 9.06 13.76
C HIS B 27 24.74 10.40 13.45
N GLU B 28 25.17 10.59 12.21
CA GLU B 28 25.83 11.83 11.82
C GLU B 28 24.83 12.98 11.79
N ILE B 29 25.28 14.17 12.18
CA ILE B 29 24.52 15.40 11.97
C ILE B 29 24.67 15.82 10.50
N VAL B 30 23.54 16.12 9.85
CA VAL B 30 23.50 16.58 8.47
C VAL B 30 22.41 17.65 8.22
N ALA B 31 22.46 18.29 7.06
CA ALA B 31 21.38 19.18 6.64
C ALA B 31 20.54 18.52 5.55
N LEU B 32 19.22 18.57 5.69
CA LEU B 32 18.29 18.14 4.64
C LEU B 32 17.65 19.34 3.98
N LYS B 33 17.60 19.33 2.65
CA LYS B 33 16.89 20.36 1.89
C LYS B 33 15.66 19.72 1.21
N ARG B 34 14.50 19.93 1.81
CA ARG B 34 13.25 19.35 1.33
C ARG B 34 12.64 20.22 0.24
N VAL B 35 12.08 19.57 -0.78
CA VAL B 35 11.48 20.29 -1.90
C VAL B 35 10.19 19.57 -2.32
N ARG B 36 9.08 20.29 -2.26
CA ARG B 36 7.78 19.73 -2.63
C ARG B 36 7.62 19.65 -4.16
N LEU B 37 7.09 18.55 -4.64
CA LEU B 37 6.91 18.31 -6.07
C LEU B 37 5.51 18.71 -6.56
N ASP B 38 4.59 18.84 -5.58
CA ASP B 38 3.14 19.13 -5.80
C ASP B 38 2.59 20.27 -4.95
N ASP B 39 3.43 21.25 -4.62
CA ASP B 39 2.78 22.34 -3.90
C ASP B 39 2.32 23.23 -5.08
N ASP B 40 2.42 24.47 -4.92
CA ASP B 40 2.19 25.52 -5.85
C ASP B 40 3.08 25.43 -7.05
N ASP B 41 4.13 26.28 -6.82
CA ASP B 41 5.20 26.49 -7.74
C ASP B 41 5.96 25.20 -7.88
N GLU B 42 5.18 24.53 -8.80
CA GLU B 42 5.42 23.29 -9.54
C GLU B 42 6.46 23.91 -10.40
N GLY B 43 7.70 23.75 -9.98
CA GLY B 43 8.72 24.77 -10.56
C GLY B 43 9.99 24.86 -9.69
N VAL B 44 9.79 24.62 -8.39
CA VAL B 44 10.90 24.60 -7.42
C VAL B 44 11.86 23.42 -7.73
N PRO B 45 11.30 22.23 -7.99
CA PRO B 45 12.10 21.07 -8.38
C PRO B 45 13.04 21.37 -9.54
N SER B 46 12.60 22.17 -10.50
CA SER B 46 13.43 22.56 -11.63
C SER B 46 14.80 23.10 -11.21
N SER B 47 14.86 23.91 -10.15
CA SER B 47 16.14 24.43 -9.64
C SER B 47 16.82 23.43 -8.70
N ALA B 48 16.03 22.60 -8.02
CA ALA B 48 16.58 21.50 -7.20
C ALA B 48 17.37 20.51 -8.06
N LEU B 49 16.80 20.13 -9.19
CA LEU B 49 17.44 19.20 -10.10
C LEU B 49 18.72 19.81 -10.68
N ARG B 50 18.70 21.08 -11.05
CA ARG B 50 19.90 21.77 -11.55
C ARG B 50 20.97 21.85 -10.47
N GLU B 51 20.56 22.04 -9.22
CA GLU B 51 21.50 22.18 -8.11
C GLU B 51 22.15 20.83 -7.87
N ILE B 52 21.36 19.76 -8.01
CA ILE B 52 21.87 18.39 -7.88
C ILE B 52 22.91 18.15 -8.97
N CYS B 53 22.55 18.47 -10.22
CA CYS B 53 23.39 18.21 -11.40
C CYS B 53 24.78 18.84 -11.28
N LEU B 54 24.83 20.07 -10.76
CA LEU B 54 26.05 20.86 -10.67
C LEU B 54 26.90 20.43 -9.49
N LEU B 55 26.22 20.16 -8.36
CA LEU B 55 26.89 19.87 -7.10
C LEU B 55 27.49 18.46 -7.11
N LYS B 56 26.91 17.57 -7.91
CA LYS B 56 27.48 16.26 -8.19
C LYS B 56 28.85 16.39 -8.90
N GLU B 57 29.07 17.51 -9.58
CA GLU B 57 30.32 17.79 -10.30
C GLU B 57 31.19 18.85 -9.64
N LEU B 58 30.83 19.33 -8.46
CA LEU B 58 31.61 20.38 -7.80
C LEU B 58 32.05 19.96 -6.41
N LYS B 59 33.14 19.20 -6.37
CA LYS B 59 33.74 18.67 -5.13
C LYS B 59 34.99 19.47 -4.73
N HIS B 60 34.91 20.15 -3.60
CA HIS B 60 35.94 21.05 -3.10
C HIS B 60 35.69 21.32 -1.61
N LYS B 61 36.73 21.61 -0.85
CA LYS B 61 36.59 21.77 0.62
C LYS B 61 35.88 23.07 1.01
N ASN B 62 35.77 24.01 0.05
CA ASN B 62 35.14 25.30 0.27
C ASN B 62 33.82 25.39 -0.48
N ILE B 63 33.31 24.25 -0.91
CA ILE B 63 31.93 24.11 -1.38
C ILE B 63 31.22 23.08 -0.49
N VAL B 64 29.94 23.28 -0.24
CA VAL B 64 29.16 22.38 0.60
C VAL B 64 28.89 21.08 -0.15
N ARG B 65 28.99 19.96 0.55
CA ARG B 65 28.98 18.65 -0.08
C ARG B 65 27.58 18.03 -0.07
N LEU B 66 27.11 17.66 -1.24
CA LEU B 66 25.89 16.87 -1.38
C LEU B 66 26.23 15.39 -1.25
N HIS B 67 25.73 14.72 -0.21
CA HIS B 67 25.98 13.29 -0.01
C HIS B 67 24.95 12.41 -0.74
N ASP B 68 23.69 12.85 -0.81
CA ASP B 68 22.64 12.02 -1.42
C ASP B 68 21.38 12.74 -1.87
N VAL B 69 20.56 12.05 -2.66
CA VAL B 69 19.25 12.52 -3.08
C VAL B 69 18.18 11.43 -2.87
N LEU B 70 17.21 11.70 -2.00
CA LEU B 70 16.10 10.79 -1.72
C LEU B 70 14.78 11.32 -2.29
N HIS B 71 13.91 10.41 -2.69
CA HIS B 71 12.59 10.76 -3.27
C HIS B 71 11.44 10.01 -2.52
N SER B 72 10.62 10.73 -1.74
CA SER B 72 9.80 9.79 -0.90
C SER B 72 8.26 9.71 -0.93
N ASP B 73 7.56 10.85 -0.93
CA ASP B 73 6.10 10.88 -0.97
C ASP B 73 5.84 11.47 -2.31
N LYS B 74 5.90 12.78 -2.15
CA LYS B 74 5.82 13.86 -3.13
C LYS B 74 6.87 14.87 -2.66
N LYS B 75 8.03 14.34 -2.26
CA LYS B 75 9.13 15.17 -1.75
C LYS B 75 10.47 14.78 -2.37
N LEU B 76 11.42 15.69 -2.28
CA LEU B 76 12.81 15.46 -2.71
C LEU B 76 13.72 16.00 -1.62
N THR B 77 14.47 15.11 -0.98
CA THR B 77 15.38 15.50 0.08
C THR B 77 16.82 15.42 -0.39
N LEU B 78 17.50 16.57 -0.49
CA LEU B 78 18.94 16.57 -0.76
C LEU B 78 19.65 16.46 0.59
N VAL B 79 20.55 15.49 0.72
CA VAL B 79 21.27 15.30 1.97
C VAL B 79 22.62 15.98 1.86
N PHE B 80 22.89 16.90 2.78
CA PHE B 80 24.05 17.76 2.74
C PHE B 80 24.90 17.56 3.97
N GLU B 81 26.17 17.91 3.82
CA GLU B 81 27.05 18.18 4.95
C GLU B 81 26.42 19.25 5.87
N PHE B 82 26.58 19.11 7.18
CA PHE B 82 26.09 20.14 8.11
C PHE B 82 27.21 21.08 8.53
N CYS B 83 26.87 22.36 8.54
CA CYS B 83 27.78 23.41 8.95
C CYS B 83 27.14 24.17 10.10
N ASP B 84 28.01 24.72 10.94
CA ASP B 84 27.59 25.17 12.26
C ASP B 84 26.76 26.42 12.17
N GLN B 85 27.18 27.34 11.33
CA GLN B 85 26.43 28.58 11.16
C GLN B 85 26.68 29.19 9.81
N ASP B 86 25.91 30.24 9.49
CA ASP B 86 26.21 31.07 8.31
C ASP B 86 26.93 32.36 8.72
N LEU B 87 27.45 33.10 7.72
CA LEU B 87 28.24 34.30 7.98
C LEU B 87 27.38 35.40 8.65
N LYS B 88 26.09 35.38 8.39
CA LYS B 88 25.15 36.33 8.98
C LYS B 88 25.06 36.13 10.48
N LYS B 89 24.88 34.88 10.91
CA LYS B 89 24.87 34.56 12.32
C LYS B 89 26.25 34.79 12.97
N TYR B 90 27.32 34.59 12.20
CA TYR B 90 28.68 34.76 12.71
C TYR B 90 28.91 36.21 13.07
N PHE B 91 28.48 37.10 12.18
CA PHE B 91 28.50 38.53 12.41
C PHE B 91 27.81 38.96 13.72
N ASP B 92 26.64 38.38 14.00
CA ASP B 92 25.92 38.68 15.25
C ASP B 92 26.61 38.17 16.52
N SER B 93 27.32 37.06 16.36
CA SER B 93 28.03 36.40 17.43
C SER B 93 29.18 37.19 17.96
N CYS B 94 29.77 38.04 17.12
CA CYS B 94 30.99 38.74 17.47
C CYS B 94 30.89 40.24 17.22
N ASN B 95 29.67 40.77 17.34
CA ASN B 95 29.45 42.20 17.33
C ASN B 95 29.92 42.83 16.03
N GLY B 96 29.76 42.08 14.96
CA GLY B 96 30.25 42.46 13.65
C GLY B 96 31.74 42.76 13.54
N ASP B 97 32.50 42.33 14.53
CA ASP B 97 33.87 42.78 14.73
C ASP B 97 34.83 41.60 14.60
N LEU B 98 35.30 41.41 13.38
CA LEU B 98 36.16 40.31 13.03
C LEU B 98 37.60 40.76 13.16
N ASP B 99 38.46 39.86 13.63
CA ASP B 99 39.90 40.10 13.57
C ASP B 99 40.36 40.20 12.11
N PRO B 100 41.21 41.17 11.78
CA PRO B 100 41.75 41.32 10.41
C PRO B 100 42.26 40.03 9.75
N GLU B 101 42.83 39.12 10.51
CA GLU B 101 43.33 37.86 9.96
C GLU B 101 42.20 36.86 9.63
N ILE B 102 41.10 36.88 10.38
CA ILE B 102 39.91 36.12 9.99
C ILE B 102 39.21 36.73 8.78
N VAL B 103 39.22 38.05 8.66
CA VAL B 103 38.77 38.71 7.44
C VAL B 103 39.52 38.16 6.21
N LYS B 104 40.84 38.06 6.34
CA LYS B 104 41.69 37.59 5.25
C LYS B 104 41.35 36.14 4.94
N SER B 105 41.10 35.38 6.01
CA SER B 105 40.86 33.95 5.90
C SER B 105 39.59 33.64 5.17
N PHE B 106 38.54 34.38 5.50
CA PHE B 106 37.20 34.11 4.98
C PHE B 106 37.19 34.46 3.51
N LEU B 107 37.84 35.57 3.17
CA LEU B 107 37.89 36.01 1.78
C LEU B 107 38.67 35.05 0.93
N PHE B 108 39.82 34.60 1.44
CA PHE B 108 40.67 33.64 0.73
C PHE B 108 39.89 32.37 0.42
N GLN B 109 39.11 31.93 1.41
CA GLN B 109 38.36 30.69 1.29
C GLN B 109 37.22 30.83 0.33
N LEU B 110 36.58 32.00 0.38
CA LEU B 110 35.50 32.33 -0.52
C LEU B 110 36.02 32.33 -1.97
N LEU B 111 37.15 33.00 -2.19
CA LEU B 111 37.81 33.08 -3.50
C LEU B 111 38.23 31.73 -4.04
N LYS B 112 38.72 30.84 -3.15
CA LYS B 112 39.09 29.47 -3.50
C LYS B 112 37.89 28.67 -3.98
N GLY B 113 36.80 28.67 -3.21
CA GLY B 113 35.56 28.01 -3.60
C GLY B 113 34.96 28.56 -4.90
N LEU B 114 34.97 29.88 -5.01
CA LEU B 114 34.48 30.58 -6.19
C LEU B 114 35.36 30.34 -7.41
N GLY B 115 36.68 30.38 -7.22
CA GLY B 115 37.67 30.10 -8.23
C GLY B 115 37.47 28.73 -8.84
N PHE B 116 37.13 27.76 -8.00
CA PHE B 116 36.90 26.39 -8.44
C PHE B 116 35.63 26.28 -9.27
N CYS B 117 34.56 26.96 -8.84
CA CYS B 117 33.30 26.99 -9.58
C CYS B 117 33.51 27.61 -10.99
N HIS B 118 34.12 28.78 -11.00
CA HIS B 118 34.43 29.51 -12.24
C HIS B 118 35.30 28.68 -13.21
N SER B 119 36.30 27.95 -12.70
CA SER B 119 37.15 27.09 -13.55
C SER B 119 36.44 25.82 -14.03
N ARG B 120 35.36 25.42 -13.36
CA ARG B 120 34.54 24.29 -13.77
C ARG B 120 33.29 24.75 -14.54
N ASN B 121 33.28 26.01 -14.97
CA ASN B 121 32.24 26.59 -15.79
C ASN B 121 30.86 26.64 -15.12
N VAL B 122 30.85 27.11 -13.89
CA VAL B 122 29.63 27.24 -13.09
C VAL B 122 29.64 28.64 -12.46
N LEU B 123 28.55 29.36 -12.64
CA LEU B 123 28.30 30.63 -11.95
C LEU B 123 27.38 30.36 -10.78
N HIS B 124 27.67 30.95 -9.62
CA HIS B 124 26.83 30.79 -8.45
C HIS B 124 25.55 31.64 -8.47
N ARG B 125 25.73 32.94 -8.69
CA ARG B 125 24.63 33.91 -8.82
C ARG B 125 23.73 34.12 -7.59
N ASP B 126 24.24 33.82 -6.42
CA ASP B 126 23.53 34.16 -5.20
C ASP B 126 24.46 34.26 -4.01
N LEU B 127 25.56 34.96 -4.21
CA LEU B 127 26.61 35.08 -3.21
C LEU B 127 26.18 36.11 -2.18
N LYS B 128 26.03 35.65 -0.95
CA LYS B 128 25.63 36.52 0.16
C LYS B 128 26.00 35.81 1.46
N PRO B 129 26.13 36.54 2.56
CA PRO B 129 26.54 35.94 3.85
C PRO B 129 25.69 34.72 4.28
N GLN B 130 24.40 34.72 4.07
CA GLN B 130 23.59 33.56 4.47
C GLN B 130 23.88 32.31 3.62
N ASN B 131 24.49 32.50 2.44
CA ASN B 131 24.91 31.36 1.64
C ASN B 131 26.38 31.04 1.80
N LEU B 132 26.97 31.58 2.86
CA LEU B 132 28.35 31.30 3.21
C LEU B 132 28.36 30.64 4.58
N LEU B 133 28.61 29.33 4.58
CA LEU B 133 28.53 28.52 5.81
C LEU B 133 29.92 28.44 6.46
N ILE B 134 29.95 28.62 7.79
CA ILE B 134 31.16 28.60 8.59
C ILE B 134 31.16 27.46 9.64
N ASN B 135 32.23 26.67 9.68
CA ASN B 135 32.46 25.63 10.69
C ASN B 135 33.22 26.21 11.87
N ARG B 136 33.28 25.45 12.96
CA ARG B 136 33.90 25.91 14.20
C ARG B 136 35.44 25.93 14.13
N ASN B 137 36.01 25.05 13.31
CA ASN B 137 37.45 25.12 12.98
C ASN B 137 37.80 26.33 12.07
N GLY B 138 36.79 27.05 11.58
CA GLY B 138 37.02 28.28 10.85
C GLY B 138 37.07 28.12 9.33
N GLU B 139 36.57 26.99 8.84
CA GLU B 139 36.43 26.77 7.41
C GLU B 139 35.12 27.37 6.86
N LEU B 140 35.23 28.01 5.70
CA LEU B 140 34.11 28.66 5.05
C LEU B 140 33.78 27.86 3.79
N LYS B 141 32.48 27.64 3.58
CA LYS B 141 31.97 26.80 2.51
C LYS B 141 30.84 27.52 1.79
N LEU B 142 30.96 27.56 0.48
CA LEU B 142 29.97 28.19 -0.35
C LEU B 142 28.80 27.21 -0.45
N ALA B 143 27.58 27.73 -0.31
CA ALA B 143 26.37 26.91 -0.31
C ALA B 143 25.28 27.52 -1.15
N ASN B 144 24.21 26.75 -1.30
CA ASN B 144 22.95 27.12 -1.95
C ASN B 144 23.12 27.52 -3.42
N PHE B 145 23.19 26.51 -4.27
CA PHE B 145 23.42 26.61 -5.71
C PHE B 145 22.11 26.52 -6.50
N GLY B 146 21.03 27.03 -5.93
CA GLY B 146 19.71 26.99 -6.55
C GLY B 146 19.54 27.99 -7.69
N LEU B 147 20.28 29.08 -7.62
CA LEU B 147 20.36 30.04 -8.73
C LEU B 147 21.55 29.80 -9.67
N ALA B 148 22.38 28.81 -9.37
CA ALA B 148 23.58 28.56 -10.15
C ALA B 148 23.29 27.90 -11.50
N ARG B 149 24.18 28.07 -12.45
CA ARG B 149 24.06 27.38 -13.73
C ARG B 149 25.39 27.23 -14.42
N ALA B 150 25.44 26.35 -15.39
CA ALA B 150 26.64 26.16 -16.18
C ALA B 150 26.70 27.26 -17.24
N PHE B 151 27.89 27.80 -17.48
CA PHE B 151 28.12 28.67 -18.63
C PHE B 151 29.14 28.07 -19.60
N GLY B 152 29.05 28.44 -20.89
CA GLY B 152 30.07 28.08 -21.86
C GLY B 152 29.57 27.80 -23.27
N ILE B 153 28.54 26.96 -23.39
CA ILE B 153 27.86 26.74 -24.68
C ILE B 153 27.42 28.10 -25.22
N PRO B 154 27.80 28.46 -26.44
CA PRO B 154 27.23 29.66 -27.06
C PRO B 154 25.74 29.84 -26.71
N VAL B 155 25.43 30.80 -25.85
CA VAL B 155 24.06 30.92 -25.34
C VAL B 155 23.43 32.22 -25.85
N ARG B 156 22.15 32.17 -26.21
CA ARG B 156 21.44 33.41 -26.54
C ARG B 156 21.53 34.39 -25.36
N CYS B 157 21.27 33.93 -24.13
CA CYS B 157 21.29 34.81 -22.96
C CYS B 157 21.05 34.11 -21.60
N TYR B 158 21.24 34.88 -20.52
CA TYR B 158 21.02 34.45 -19.14
C TYR B 158 20.01 35.42 -18.49
N SER B 159 19.28 34.91 -17.51
CA SER B 159 18.37 35.76 -16.78
C SER B 159 19.11 36.89 -16.08
N ALA B 160 18.53 38.09 -16.06
CA ALA B 160 19.03 39.22 -15.26
C ALA B 160 18.36 39.26 -13.90
N GLU B 161 17.40 38.36 -13.68
CA GLU B 161 16.70 38.27 -12.38
C GLU B 161 17.44 37.25 -11.50
N VAL B 162 18.72 37.55 -11.22
CA VAL B 162 19.58 36.73 -10.39
C VAL B 162 20.31 37.61 -9.36
N VAL B 163 20.79 36.96 -8.31
CA VAL B 163 21.47 37.56 -7.16
C VAL B 163 20.54 38.41 -6.32
N THR B 164 20.60 38.22 -5.02
CA THR B 164 19.84 39.03 -4.07
C THR B 164 20.23 40.50 -4.32
N LEU B 165 19.27 41.40 -4.20
CA LEU B 165 19.44 42.77 -4.65
C LEU B 165 20.70 43.47 -4.10
N TRP B 166 20.97 43.29 -2.81
CA TRP B 166 22.02 44.03 -2.13
C TRP B 166 23.41 43.65 -2.65
N TYR B 167 23.52 42.48 -3.26
CA TYR B 167 24.77 41.95 -3.76
C TYR B 167 24.83 41.93 -5.32
N ARG B 168 23.82 42.49 -5.98
CA ARG B 168 23.69 42.40 -7.44
C ARG B 168 24.54 43.48 -8.09
N PRO B 169 25.31 43.11 -9.11
CA PRO B 169 26.20 44.06 -9.79
C PRO B 169 25.41 45.03 -10.68
N PRO B 170 25.97 46.21 -10.95
CA PRO B 170 25.27 47.24 -11.72
C PRO B 170 24.90 46.86 -13.15
N ASP B 171 25.70 46.06 -13.83
CA ASP B 171 25.34 45.64 -15.17
C ASP B 171 24.06 44.83 -15.15
N VAL B 172 23.92 43.99 -14.13
CA VAL B 172 22.78 43.08 -14.02
C VAL B 172 21.56 43.88 -13.58
N LEU B 173 21.80 44.90 -12.77
CA LEU B 173 20.74 45.79 -12.34
C LEU B 173 20.21 46.60 -13.55
N PHE B 174 21.07 46.85 -14.54
CA PHE B 174 20.68 47.47 -15.82
C PHE B 174 20.20 46.39 -16.81
N GLY B 175 19.98 45.18 -16.31
CA GLY B 175 19.31 44.13 -17.02
C GLY B 175 20.17 43.35 -17.98
N ALA B 176 21.49 43.30 -17.74
CA ALA B 176 22.43 42.53 -18.58
C ALA B 176 22.01 41.07 -18.70
N LYS B 177 21.96 40.59 -19.94
CA LYS B 177 21.58 39.21 -20.25
C LYS B 177 22.86 38.47 -20.64
N LEU B 178 23.96 39.19 -20.77
CA LEU B 178 25.21 38.56 -21.14
C LEU B 178 26.14 39.03 -20.07
N TYR B 179 26.46 38.10 -19.15
CA TYR B 179 27.50 38.23 -18.14
C TYR B 179 28.24 36.91 -17.95
N SER B 180 29.41 36.98 -17.32
CA SER B 180 30.28 35.85 -17.09
C SER B 180 30.49 35.69 -15.57
N THR B 181 31.64 35.18 -15.22
CA THR B 181 32.08 35.03 -13.84
C THR B 181 32.15 36.34 -13.05
N SER B 182 32.17 37.48 -13.75
CA SER B 182 32.17 38.81 -13.11
C SER B 182 31.03 39.04 -12.12
N ILE B 183 29.92 38.32 -12.33
CA ILE B 183 28.70 38.55 -11.55
C ILE B 183 28.95 38.22 -10.08
N ASP B 184 29.59 37.09 -9.84
CA ASP B 184 29.97 36.66 -8.49
C ASP B 184 31.11 37.50 -7.89
N MET B 185 32.03 38.02 -8.72
CA MET B 185 33.14 38.80 -8.19
C MET B 185 32.69 40.11 -7.53
N TRP B 186 31.66 40.75 -8.11
CA TRP B 186 31.11 41.94 -7.50
C TRP B 186 30.51 41.61 -6.11
N SER B 187 29.75 40.54 -6.09
CA SER B 187 29.14 40.06 -4.84
C SER B 187 30.20 39.76 -3.77
N ALA B 188 31.36 39.21 -4.20
CA ALA B 188 32.48 38.94 -3.31
C ALA B 188 33.05 40.22 -2.70
N GLY B 189 33.06 41.27 -3.50
CA GLY B 189 33.54 42.58 -3.10
C GLY B 189 32.66 43.14 -2.01
N CYS B 190 31.34 42.98 -2.18
CA CYS B 190 30.33 43.45 -1.24
C CYS B 190 30.51 42.77 0.09
N ILE B 191 30.74 41.46 0.05
CA ILE B 191 30.98 40.67 1.27
C ILE B 191 32.28 41.08 1.98
N PHE B 192 33.34 41.20 1.19
CA PHE B 192 34.61 41.73 1.66
C PHE B 192 34.43 43.03 2.45
N ALA B 193 33.59 43.93 1.94
CA ALA B 193 33.39 45.22 2.59
C ALA B 193 32.69 45.08 3.96
N GLU B 194 31.73 44.16 4.06
CA GLU B 194 31.07 43.78 5.33
C GLU B 194 32.06 43.21 6.34
N LEU B 195 32.83 42.24 5.85
CA LEU B 195 33.92 41.60 6.58
C LEU B 195 34.88 42.64 7.18
N ALA B 196 35.25 43.64 6.39
CA ALA B 196 36.29 44.60 6.76
C ALA B 196 35.79 45.86 7.44
N ASN B 197 34.55 45.82 7.91
CA ASN B 197 34.02 46.91 8.71
C ASN B 197 33.39 46.39 10.01
N ALA B 198 32.11 46.03 9.98
CA ALA B 198 31.16 45.98 11.08
C ALA B 198 30.05 44.99 10.67
N GLY B 199 30.29 44.29 9.58
CA GLY B 199 29.37 43.30 9.02
C GLY B 199 27.98 43.80 8.58
N ARG B 200 27.89 45.03 8.15
CA ARG B 200 26.66 45.56 7.61
C ARG B 200 26.81 45.67 6.09
N PRO B 201 25.74 45.37 5.37
CA PRO B 201 25.73 45.51 3.91
C PRO B 201 26.13 46.91 3.49
N LEU B 202 27.01 46.97 2.51
CA LEU B 202 27.50 48.21 1.94
C LEU B 202 26.39 48.95 1.17
N PHE B 203 25.59 48.18 0.41
CA PHE B 203 24.54 48.75 -0.43
C PHE B 203 23.14 48.14 -0.16
N PRO B 204 22.54 48.51 0.95
CA PRO B 204 21.21 48.00 1.35
C PRO B 204 20.05 48.72 0.65
N GLY B 205 19.88 48.50 -0.65
CA GLY B 205 18.86 49.22 -1.39
C GLY B 205 17.47 48.65 -1.23
N ASN B 206 16.48 49.52 -1.43
CA ASN B 206 15.07 49.17 -1.35
C ASN B 206 14.47 48.59 -2.64
N ASP B 207 15.12 48.87 -3.76
CA ASP B 207 14.66 48.38 -5.06
C ASP B 207 15.79 48.61 -6.09
N VAL B 208 15.57 48.18 -7.34
CA VAL B 208 16.62 48.22 -8.36
C VAL B 208 17.19 49.63 -8.49
N ASP B 209 16.29 50.59 -8.55
CA ASP B 209 16.66 51.99 -8.71
C ASP B 209 17.52 52.55 -7.56
N ASP B 210 17.05 52.32 -6.34
CA ASP B 210 17.79 52.70 -5.15
C ASP B 210 19.13 51.99 -5.06
N GLN B 211 19.19 50.77 -5.57
CA GLN B 211 20.39 49.96 -5.49
C GLN B 211 21.48 50.64 -6.30
N LEU B 212 21.14 51.01 -7.53
CA LEU B 212 22.05 51.63 -8.46
C LEU B 212 22.58 52.95 -7.88
N LYS B 213 21.68 53.71 -7.28
CA LYS B 213 22.02 55.01 -6.70
C LYS B 213 22.99 54.84 -5.54
N ARG B 214 22.73 53.87 -4.69
CA ARG B 214 23.61 53.65 -3.58
C ARG B 214 25.01 53.29 -4.05
N ILE B 215 25.10 52.52 -5.14
CA ILE B 215 26.40 52.11 -5.64
C ILE B 215 27.12 53.31 -6.20
N PHE B 216 26.40 54.10 -7.00
CA PHE B 216 27.02 55.20 -7.73
C PHE B 216 27.40 56.32 -6.79
N ARG B 217 26.63 56.47 -5.71
CA ARG B 217 26.93 57.48 -4.69
C ARG B 217 28.26 57.29 -3.98
N LEU B 218 28.68 56.06 -3.77
CA LEU B 218 29.97 55.81 -3.15
C LEU B 218 31.09 55.69 -4.18
N LEU B 219 30.81 55.03 -5.30
CA LEU B 219 31.86 54.64 -6.24
C LEU B 219 32.04 55.70 -7.34
N GLY B 220 31.10 56.62 -7.40
CA GLY B 220 30.96 57.49 -8.54
C GLY B 220 30.17 56.83 -9.64
N THR B 221 29.42 57.64 -10.35
CA THR B 221 28.67 57.20 -11.50
C THR B 221 29.63 57.01 -12.62
N PRO B 222 29.70 55.79 -13.14
CA PRO B 222 30.59 55.50 -14.26
C PRO B 222 30.18 56.20 -15.54
N THR B 223 31.15 56.66 -16.33
CA THR B 223 30.91 57.27 -17.63
C THR B 223 31.09 56.23 -18.71
N GLU B 224 30.92 56.64 -19.96
CA GLU B 224 31.15 55.74 -21.08
C GLU B 224 32.65 55.57 -21.38
N GLU B 225 33.51 56.43 -20.82
CA GLU B 225 34.97 56.26 -20.91
C GLU B 225 35.40 55.06 -20.08
N GLN B 226 34.88 54.98 -18.88
CA GLN B 226 35.10 53.84 -18.02
C GLN B 226 34.29 52.58 -18.40
N TRP B 227 33.06 52.74 -18.90
CA TRP B 227 32.18 51.61 -19.16
C TRP B 227 31.37 51.80 -20.46
N PRO B 228 32.02 51.64 -21.59
CA PRO B 228 31.41 51.94 -22.87
C PRO B 228 30.18 51.10 -23.19
N SER B 229 30.06 49.88 -22.70
CA SER B 229 28.95 49.03 -23.11
C SER B 229 27.69 49.31 -22.26
N MET B 230 27.84 50.18 -21.26
CA MET B 230 26.79 50.55 -20.34
C MET B 230 25.50 50.96 -21.08
N THR B 231 25.64 51.78 -22.10
CA THR B 231 24.51 52.33 -22.84
C THR B 231 23.78 51.29 -23.69
N LYS B 232 24.36 50.12 -23.86
CA LYS B 232 23.73 49.08 -24.67
C LYS B 232 22.90 48.10 -23.82
N LEU B 233 22.91 48.26 -22.50
CA LEU B 233 22.18 47.33 -21.65
C LEU B 233 20.65 47.51 -21.76
N PRO B 234 19.91 46.42 -21.73
CA PRO B 234 18.46 46.46 -21.96
C PRO B 234 17.64 47.46 -21.11
N ASP B 235 17.99 47.65 -19.85
CA ASP B 235 17.26 48.54 -18.96
C ASP B 235 18.12 49.73 -18.53
N TYR B 236 19.05 50.14 -19.37
CA TYR B 236 19.92 51.27 -19.10
C TYR B 236 19.13 52.59 -19.13
N LYS B 237 19.36 53.42 -18.12
CA LYS B 237 18.91 54.80 -18.14
C LYS B 237 19.99 55.66 -17.50
N PRO B 238 20.12 56.93 -17.94
CA PRO B 238 21.10 57.84 -17.35
C PRO B 238 20.84 58.04 -15.86
N TYR B 239 21.91 58.04 -15.07
CA TYR B 239 21.85 58.33 -13.64
C TYR B 239 22.57 59.66 -13.37
N PRO B 240 22.21 60.33 -12.27
CA PRO B 240 22.92 61.55 -11.85
C PRO B 240 24.41 61.25 -11.73
N MET B 241 25.23 62.26 -11.96
CA MET B 241 26.67 62.10 -11.85
C MET B 241 27.09 62.42 -10.43
N TYR B 242 27.32 61.38 -9.62
CA TYR B 242 27.92 61.54 -8.31
C TYR B 242 29.44 61.42 -8.39
N PRO B 243 30.18 62.24 -7.63
CA PRO B 243 31.64 62.15 -7.63
C PRO B 243 32.15 60.84 -6.99
N ALA B 244 33.26 60.34 -7.53
CA ALA B 244 33.85 59.05 -7.18
C ALA B 244 35.15 59.21 -6.36
N THR B 245 35.13 60.08 -5.33
CA THR B 245 36.32 60.31 -4.50
C THR B 245 36.18 59.87 -3.02
N THR B 246 34.99 59.40 -2.61
CA THR B 246 34.76 58.96 -1.24
C THR B 246 35.71 57.80 -0.97
N SER B 247 36.80 58.09 -0.23
CA SER B 247 37.92 57.14 -0.08
C SER B 247 37.44 55.94 0.69
N LEU B 248 37.84 54.76 0.23
CA LEU B 248 37.43 53.53 0.88
C LEU B 248 37.89 53.37 2.32
N VAL B 249 38.78 54.26 2.77
CA VAL B 249 39.35 54.18 4.10
C VAL B 249 38.25 54.07 5.14
N ASN B 250 37.24 54.95 5.09
CA ASN B 250 36.24 54.96 6.17
C ASN B 250 35.16 53.88 6.02
N VAL B 251 35.05 53.32 4.83
CA VAL B 251 34.13 52.23 4.52
C VAL B 251 34.69 50.88 4.96
N VAL B 252 36.03 50.74 4.95
CA VAL B 252 36.71 49.51 5.41
C VAL B 252 37.94 49.87 6.28
N PRO B 253 37.67 50.26 7.54
CA PRO B 253 38.73 50.70 8.46
C PRO B 253 39.68 49.58 8.83
N LYS B 254 39.30 48.31 8.68
CA LYS B 254 40.17 47.20 9.10
C LYS B 254 41.21 46.90 8.02
N LEU B 255 41.06 47.52 6.86
CA LEU B 255 41.88 47.21 5.71
C LEU B 255 42.98 48.24 5.52
N ASN B 256 44.20 47.78 5.28
CA ASN B 256 45.33 48.65 4.89
C ASN B 256 45.26 49.00 3.41
N ALA B 257 46.26 49.72 2.91
CA ALA B 257 46.26 50.16 1.50
C ALA B 257 46.18 49.00 0.50
N THR B 258 46.81 47.88 0.84
CA THR B 258 46.79 46.69 0.00
C THR B 258 45.41 46.08 -0.02
N GLY B 259 44.76 46.03 1.14
CA GLY B 259 43.43 45.47 1.23
C GLY B 259 42.44 46.27 0.39
N ARG B 260 42.54 47.58 0.50
CA ARG B 260 41.64 48.49 -0.17
C ARG B 260 41.80 48.39 -1.67
N ASP B 261 43.03 48.14 -2.14
CA ASP B 261 43.30 47.97 -3.54
C ASP B 261 42.58 46.73 -4.07
N LEU B 262 42.65 45.63 -3.33
CA LEU B 262 41.87 44.45 -3.71
C LEU B 262 40.35 44.73 -3.80
N LEU B 263 39.84 45.51 -2.84
CA LEU B 263 38.38 45.80 -2.78
C LEU B 263 37.99 46.70 -3.96
N GLN B 264 38.85 47.64 -4.31
CA GLN B 264 38.67 48.50 -5.49
C GLN B 264 38.60 47.70 -6.78
N ASN B 265 39.38 46.63 -6.87
CA ASN B 265 39.42 45.78 -8.04
C ASN B 265 38.27 44.81 -8.16
N LEU B 266 37.59 44.54 -7.04
CA LEU B 266 36.37 43.73 -7.02
C LEU B 266 35.12 44.57 -7.30
N LEU B 267 35.07 45.77 -6.75
CA LEU B 267 33.91 46.64 -6.90
C LEU B 267 34.07 47.63 -8.08
N LYS B 268 34.21 47.09 -9.28
CA LYS B 268 34.26 47.88 -10.49
C LYS B 268 32.89 47.76 -11.13
N CYS B 269 32.27 48.89 -11.48
CA CYS B 269 30.97 48.87 -12.17
C CYS B 269 31.05 48.13 -13.49
N ASN B 270 32.10 48.39 -14.28
CA ASN B 270 32.34 47.66 -15.54
C ASN B 270 32.78 46.21 -15.20
N PRO B 271 31.92 45.21 -15.50
CA PRO B 271 32.25 43.81 -15.21
C PRO B 271 33.61 43.37 -15.78
N VAL B 272 33.96 43.87 -16.96
CA VAL B 272 35.26 43.56 -17.60
C VAL B 272 36.46 43.93 -16.72
N GLN B 273 36.33 45.02 -15.98
CA GLN B 273 37.38 45.60 -15.12
C GLN B 273 37.47 44.89 -13.74
N ARG B 274 36.56 43.97 -13.45
CA ARG B 274 36.57 43.26 -12.17
C ARG B 274 37.61 42.14 -12.13
N ILE B 275 38.43 42.18 -11.10
CA ILE B 275 39.40 41.11 -10.88
C ILE B 275 38.71 39.72 -10.83
N SER B 276 39.37 38.73 -11.42
CA SER B 276 38.91 37.35 -11.34
C SER B 276 39.34 36.71 -10.01
N ALA B 277 38.65 35.63 -9.63
CA ALA B 277 38.96 34.90 -8.40
C ALA B 277 40.40 34.39 -8.41
N GLU B 278 40.83 33.80 -9.52
CA GLU B 278 42.22 33.35 -9.74
C GLU B 278 43.25 34.49 -9.54
N GLU B 279 42.99 35.69 -10.08
CA GLU B 279 43.92 36.82 -9.90
C GLU B 279 43.83 37.45 -8.49
N ALA B 280 42.65 37.45 -7.89
CA ALA B 280 42.46 37.95 -6.52
C ALA B 280 43.24 37.13 -5.46
N LEU B 281 43.28 35.82 -5.62
CA LEU B 281 44.08 34.94 -4.78
C LEU B 281 45.58 35.26 -4.86
N GLN B 282 46.04 35.77 -6.01
CA GLN B 282 47.41 36.18 -6.22
C GLN B 282 47.69 37.64 -5.83
N HIS B 283 46.69 38.34 -5.31
CA HIS B 283 46.89 39.74 -4.89
C HIS B 283 47.80 39.80 -3.67
N PRO B 284 48.66 40.82 -3.55
CA PRO B 284 49.52 41.01 -2.38
C PRO B 284 48.80 41.13 -1.02
N TYR B 285 47.49 41.27 -1.03
CA TYR B 285 46.72 41.18 0.21
C TYR B 285 46.92 39.79 0.84
N PHE B 286 47.05 38.76 0.00
CA PHE B 286 47.31 37.38 0.45
C PHE B 286 48.79 36.93 0.46
N SER B 287 49.73 37.80 0.08
CA SER B 287 51.15 37.46 -0.19
C SER B 287 51.84 36.48 0.78
N ASP B 288 51.40 36.48 2.04
CA ASP B 288 51.70 35.39 2.97
C ASP B 288 50.41 35.01 3.68
N PHE B 289 50.09 33.71 3.65
CA PHE B 289 48.89 33.21 4.31
C PHE B 289 49.03 31.71 4.72
N CYS B 290 47.94 31.05 5.13
CA CYS B 290 48.04 29.68 5.73
C CYS B 290 47.51 28.51 4.84
N PRO B 291 46.25 28.54 4.38
CA PRO B 291 45.76 27.58 3.35
C PRO B 291 46.50 27.49 1.99
N PRO B 292 47.24 28.52 1.53
CA PRO B 292 48.09 28.34 0.35
C PRO B 292 49.41 27.68 0.76
N GLN C 46 -24.17 -24.10 -20.95
CA GLN C 46 -24.68 -25.25 -20.15
C GLN C 46 -24.28 -25.24 -18.66
N ALA C 47 -23.97 -24.08 -18.09
CA ALA C 47 -23.79 -23.94 -16.64
C ALA C 47 -24.97 -23.16 -16.02
N SER C 48 -26.00 -22.92 -16.82
CA SER C 48 -27.21 -22.28 -16.36
C SER C 48 -28.04 -23.31 -15.60
N THR C 49 -28.87 -22.82 -14.67
CA THR C 49 -29.66 -23.67 -13.82
C THR C 49 -30.72 -24.36 -14.64
N SER C 50 -31.37 -23.61 -15.52
CA SER C 50 -32.40 -24.16 -16.41
C SER C 50 -31.87 -25.26 -17.33
N GLU C 51 -30.62 -25.11 -17.78
CA GLU C 51 -30.03 -26.09 -18.69
C GLU C 51 -29.77 -27.39 -17.95
N LEU C 52 -29.17 -27.29 -16.78
CA LEU C 52 -28.86 -28.46 -15.97
C LEU C 52 -30.12 -29.18 -15.50
N LEU C 53 -31.18 -28.44 -15.18
CA LEU C 53 -32.45 -29.04 -14.77
C LEU C 53 -33.05 -29.83 -15.94
N ARG C 54 -32.89 -29.33 -17.13
CA ARG C 54 -33.33 -30.02 -18.31
C ARG C 54 -32.51 -31.28 -18.52
N CYS C 55 -31.21 -31.18 -18.31
CA CYS C 55 -30.32 -32.34 -18.38
C CYS C 55 -30.76 -33.41 -17.38
N LEU C 56 -31.18 -33.01 -16.17
CA LEU C 56 -31.66 -33.94 -15.15
C LEU C 56 -33.00 -34.57 -15.53
N GLY C 57 -33.87 -33.77 -16.10
CA GLY C 57 -35.14 -34.25 -16.60
C GLY C 57 -34.95 -35.23 -17.73
N GLU C 58 -34.03 -34.97 -18.63
CA GLU C 58 -33.74 -35.88 -19.75
C GLU C 58 -33.09 -37.20 -19.26
N PHE C 59 -32.25 -37.10 -18.23
CA PHE C 59 -31.65 -38.27 -17.59
C PHE C 59 -32.71 -39.19 -16.93
N LEU C 60 -33.65 -38.59 -16.23
CA LEU C 60 -34.73 -39.33 -15.58
C LEU C 60 -35.66 -40.07 -16.54
N CYS C 61 -35.90 -39.48 -17.70
CA CYS C 61 -36.74 -40.09 -18.73
C CYS C 61 -36.03 -41.29 -19.31
N ARG C 62 -34.69 -41.21 -19.40
CA ARG C 62 -33.90 -42.28 -19.98
C ARG C 62 -33.77 -43.38 -18.93
N ARG C 63 -33.53 -42.99 -17.69
CA ARG C 63 -33.39 -43.98 -16.61
C ARG C 63 -34.73 -44.79 -16.46
N CYS C 64 -35.83 -44.08 -16.33
CA CYS C 64 -37.12 -44.69 -16.02
C CYS C 64 -37.87 -45.07 -17.28
N TYR C 65 -37.43 -46.15 -17.93
CA TYR C 65 -37.89 -46.59 -19.22
C TYR C 65 -39.34 -47.06 -19.19
N ARG C 66 -39.88 -47.39 -18.02
CA ARG C 66 -41.26 -47.88 -17.93
C ARG C 66 -42.26 -46.77 -18.03
N LEU C 67 -41.77 -45.55 -17.82
CA LEU C 67 -42.67 -44.38 -17.74
C LEU C 67 -42.82 -43.76 -19.13
N LYS C 68 -43.80 -44.23 -19.88
CA LYS C 68 -43.92 -43.92 -21.29
C LYS C 68 -44.48 -42.54 -21.55
N HIS C 69 -45.15 -41.97 -20.56
CA HIS C 69 -45.81 -40.69 -20.78
C HIS C 69 -45.16 -39.59 -19.95
N LEU C 70 -43.99 -39.85 -19.43
CA LEU C 70 -43.25 -38.86 -18.66
C LEU C 70 -42.58 -37.87 -19.62
N SER C 71 -42.76 -36.58 -19.34
CA SER C 71 -42.06 -35.53 -20.08
C SER C 71 -40.79 -35.18 -19.31
N PRO C 72 -39.69 -34.88 -19.99
CA PRO C 72 -38.50 -34.36 -19.30
C PRO C 72 -38.76 -33.02 -18.60
N THR C 73 -39.84 -32.32 -18.93
CA THR C 73 -40.20 -31.08 -18.22
C THR C 73 -40.93 -31.36 -16.87
N ASP C 74 -41.42 -32.57 -16.68
CA ASP C 74 -42.19 -32.92 -15.49
C ASP C 74 -41.36 -32.80 -14.20
N PRO C 75 -40.16 -33.38 -14.18
CA PRO C 75 -39.26 -33.21 -13.02
C PRO C 75 -38.89 -31.77 -12.79
N VAL C 76 -38.62 -31.01 -13.87
CA VAL C 76 -38.29 -29.59 -13.77
C VAL C 76 -39.41 -28.84 -13.08
N LEU C 77 -40.64 -29.08 -13.55
CA LEU C 77 -41.81 -28.52 -12.91
C LEU C 77 -41.97 -28.92 -11.42
N TRP C 78 -41.73 -30.18 -11.08
CA TRP C 78 -41.91 -30.61 -9.68
C TRP C 78 -40.86 -29.88 -8.76
N LEU C 79 -39.63 -29.69 -9.25
CA LEU C 79 -38.53 -29.10 -8.44
C LEU C 79 -38.73 -27.62 -8.28
N ARG C 80 -39.06 -26.94 -9.39
CA ARG C 80 -39.29 -25.50 -9.36
C ARG C 80 -40.46 -25.14 -8.43
N SER C 81 -41.50 -25.95 -8.46
CA SER C 81 -42.71 -25.72 -7.68
C SER C 81 -42.44 -25.73 -6.17
N VAL C 82 -41.66 -26.70 -5.74
CA VAL C 82 -41.22 -26.80 -4.37
C VAL C 82 -40.41 -25.57 -3.94
N ASP C 83 -39.42 -25.22 -4.76
CA ASP C 83 -38.52 -24.08 -4.45
C ASP C 83 -39.32 -22.77 -4.42
N ARG C 84 -40.30 -22.64 -5.31
CA ARG C 84 -41.11 -21.44 -5.37
C ARG C 84 -42.03 -21.36 -4.16
N SER C 85 -42.58 -22.49 -3.76
CA SER C 85 -43.51 -22.52 -2.65
C SER C 85 -42.81 -22.21 -1.32
N LEU C 86 -41.59 -22.73 -1.14
CA LEU C 86 -40.78 -22.43 0.03
C LEU C 86 -40.39 -20.94 0.12
N LEU C 87 -40.13 -20.31 -1.02
CA LEU C 87 -39.86 -18.88 -1.07
C LEU C 87 -41.08 -18.07 -0.71
N LEU C 88 -42.20 -18.38 -1.35
CA LEU C 88 -43.42 -17.60 -1.17
C LEU C 88 -43.99 -17.75 0.24
N GLN C 89 -43.77 -18.90 0.87
CA GLN C 89 -44.32 -19.14 2.20
C GLN C 89 -43.37 -18.69 3.30
N GLY C 90 -42.21 -18.14 2.92
CA GLY C 90 -41.26 -17.56 3.85
C GLY C 90 -40.36 -18.58 4.53
N TRP C 91 -40.16 -19.75 3.93
CA TRP C 91 -39.23 -20.71 4.53
C TRP C 91 -37.76 -20.41 4.18
N GLN C 92 -37.54 -19.67 3.10
CA GLN C 92 -36.20 -19.32 2.66
C GLN C 92 -36.24 -17.91 2.08
N ASP C 93 -35.07 -17.28 2.10
CA ASP C 93 -34.87 -15.94 1.56
C ASP C 93 -34.60 -15.94 0.06
N GLN C 94 -34.01 -17.02 -0.42
CA GLN C 94 -33.55 -17.11 -1.79
C GLN C 94 -33.81 -18.53 -2.25
N GLY C 95 -33.77 -18.74 -3.55
CA GLY C 95 -34.01 -20.03 -4.14
C GLY C 95 -32.85 -20.99 -3.89
N PHE C 96 -33.18 -22.23 -3.63
CA PHE C 96 -32.19 -23.28 -3.47
C PHE C 96 -31.66 -23.84 -4.79
N ILE C 97 -32.48 -23.83 -5.84
CA ILE C 97 -32.10 -24.46 -7.10
C ILE C 97 -31.03 -23.58 -7.77
N THR C 98 -29.77 -23.95 -7.58
CA THR C 98 -28.62 -23.28 -8.18
C THR C 98 -27.89 -24.36 -8.98
N PRO C 99 -26.97 -24.00 -9.88
CA PRO C 99 -26.25 -24.99 -10.67
C PRO C 99 -25.58 -26.07 -9.80
N ALA C 100 -24.91 -25.67 -8.74
CA ALA C 100 -24.18 -26.63 -7.90
C ALA C 100 -25.11 -27.57 -7.13
N ASN C 101 -26.25 -27.06 -6.70
CA ASN C 101 -27.27 -27.87 -6.03
C ASN C 101 -27.98 -28.83 -6.95
N VAL C 102 -28.06 -28.50 -8.23
CA VAL C 102 -28.65 -29.40 -9.21
C VAL C 102 -27.68 -30.55 -9.47
N VAL C 103 -26.38 -30.25 -9.49
CA VAL C 103 -25.34 -31.26 -9.64
C VAL C 103 -25.43 -32.25 -8.45
N PHE C 104 -25.56 -31.69 -7.25
CA PHE C 104 -25.71 -32.45 -6.03
C PHE C 104 -26.92 -33.38 -6.11
N LEU C 105 -28.09 -32.84 -6.44
CA LEU C 105 -29.31 -33.62 -6.60
C LEU C 105 -29.15 -34.74 -7.66
N TYR C 106 -28.48 -34.43 -8.77
CA TYR C 106 -28.25 -35.44 -9.81
C TYR C 106 -27.40 -36.58 -9.29
N MET C 107 -26.39 -36.26 -8.49
CA MET C 107 -25.52 -37.25 -7.91
C MET C 107 -26.35 -38.24 -7.02
N LEU C 108 -27.30 -37.72 -6.29
CA LEU C 108 -28.19 -38.60 -5.52
C LEU C 108 -29.10 -39.44 -6.44
N CYS C 109 -29.68 -38.80 -7.45
CA CYS C 109 -30.66 -39.45 -8.32
C CYS C 109 -30.03 -40.56 -9.11
N ARG C 110 -28.78 -40.39 -9.55
CA ARG C 110 -28.18 -41.37 -10.45
C ARG C 110 -27.96 -42.68 -9.75
N ASP C 111 -27.77 -42.65 -8.44
CA ASP C 111 -27.56 -43.88 -7.65
C ASP C 111 -28.82 -44.38 -6.95
N VAL C 112 -29.79 -43.50 -6.73
CA VAL C 112 -30.95 -43.86 -5.90
C VAL C 112 -32.14 -44.32 -6.74
N ILE C 113 -32.35 -43.68 -7.87
CA ILE C 113 -33.56 -43.89 -8.61
C ILE C 113 -33.42 -45.13 -9.53
N SER C 114 -34.25 -46.10 -9.25
CA SER C 114 -34.22 -47.36 -9.99
C SER C 114 -34.69 -47.17 -11.43
N SER C 115 -34.10 -47.93 -12.36
CA SER C 115 -34.69 -48.02 -13.71
C SER C 115 -36.09 -48.62 -13.68
N GLU C 116 -36.44 -49.32 -12.60
CA GLU C 116 -37.69 -50.10 -12.52
C GLU C 116 -38.86 -49.37 -11.85
N VAL C 117 -38.68 -48.09 -11.54
CA VAL C 117 -39.83 -47.27 -11.10
C VAL C 117 -41.07 -47.47 -12.00
N GLY C 118 -42.21 -47.83 -11.40
CA GLY C 118 -43.39 -48.29 -12.14
C GLY C 118 -44.44 -47.23 -12.44
N SER C 119 -44.33 -46.05 -11.83
CA SER C 119 -45.28 -44.97 -12.10
C SER C 119 -44.61 -43.61 -12.05
N ASP C 120 -45.24 -42.63 -12.70
CA ASP C 120 -44.82 -41.24 -12.58
C ASP C 120 -44.94 -40.73 -11.12
N HIS C 121 -45.97 -41.16 -10.43
CA HIS C 121 -46.15 -40.76 -9.04
C HIS C 121 -44.99 -41.26 -8.17
N GLU C 122 -44.58 -42.50 -8.38
CA GLU C 122 -43.45 -43.06 -7.67
C GLU C 122 -42.16 -42.30 -7.93
N LEU C 123 -41.91 -41.95 -9.17
CA LEU C 123 -40.74 -41.18 -9.50
C LEU C 123 -40.73 -39.86 -8.74
N GLN C 124 -41.86 -39.19 -8.71
CA GLN C 124 -41.99 -37.94 -8.06
C GLN C 124 -41.70 -38.07 -6.57
N ALA C 125 -42.23 -39.10 -5.92
CA ALA C 125 -42.00 -39.39 -4.51
C ALA C 125 -40.51 -39.60 -4.20
N VAL C 126 -39.82 -40.31 -5.09
CA VAL C 126 -38.42 -40.60 -4.89
C VAL C 126 -37.53 -39.36 -5.10
N LEU C 127 -37.79 -38.70 -6.19
CA LEU C 127 -37.09 -37.49 -6.55
C LEU C 127 -37.22 -36.40 -5.44
N LEU C 128 -38.40 -36.32 -4.85
CA LEU C 128 -38.72 -35.30 -3.86
C LEU C 128 -38.09 -35.64 -2.52
N THR C 129 -37.86 -36.93 -2.31
CA THR C 129 -37.07 -37.42 -1.19
C THR C 129 -35.61 -36.96 -1.32
N CYS C 130 -35.07 -37.14 -2.51
CA CYS C 130 -33.71 -36.76 -2.81
C CYS C 130 -33.55 -35.25 -2.70
N LEU C 131 -34.58 -34.51 -3.15
CA LEU C 131 -34.57 -33.06 -3.07
C LEU C 131 -34.62 -32.58 -1.64
N TYR C 132 -35.41 -33.22 -0.79
CA TYR C 132 -35.54 -32.82 0.60
C TYR C 132 -34.23 -33.09 1.38
N LEU C 133 -33.55 -34.19 1.05
CA LEU C 133 -32.24 -34.46 1.61
C LEU C 133 -31.18 -33.48 1.08
N SER C 134 -31.32 -33.02 -0.16
CA SER C 134 -30.42 -31.95 -0.65
C SER C 134 -30.67 -30.62 0.10
N TYR C 135 -31.95 -30.30 0.34
CA TYR C 135 -32.27 -29.11 1.13
C TYR C 135 -31.70 -29.20 2.55
N SER C 136 -31.84 -30.37 3.17
CA SER C 136 -31.41 -30.57 4.55
C SER C 136 -29.88 -30.56 4.63
N TYR C 137 -29.19 -31.05 3.61
CA TYR C 137 -27.76 -31.15 3.65
C TYR C 137 -27.05 -29.89 3.16
N MET C 138 -27.55 -29.30 2.08
CA MET C 138 -26.91 -28.18 1.40
C MET C 138 -27.58 -26.80 1.61
N GLY C 139 -28.81 -26.78 2.15
CA GLY C 139 -29.56 -25.54 2.25
C GLY C 139 -29.04 -24.61 3.33
N ASN C 140 -29.31 -23.32 3.18
CA ASN C 140 -28.83 -22.31 4.12
C ASN C 140 -29.71 -22.11 5.35
N GLU C 141 -30.93 -22.62 5.35
CA GLU C 141 -31.81 -22.52 6.52
C GLU C 141 -31.61 -23.75 7.34
N ILE C 142 -31.95 -23.69 8.61
CA ILE C 142 -31.66 -24.82 9.48
C ILE C 142 -32.68 -25.95 9.31
N SER C 143 -33.92 -25.57 9.01
CA SER C 143 -34.99 -26.52 8.81
C SER C 143 -35.80 -26.16 7.56
N TYR C 144 -36.26 -27.20 6.85
CA TYR C 144 -37.27 -27.11 5.82
C TYR C 144 -38.46 -28.01 6.20
N PRO C 145 -39.69 -27.59 5.90
CA PRO C 145 -40.86 -28.38 6.23
C PRO C 145 -41.08 -29.54 5.26
N LEU C 146 -41.84 -30.52 5.73
CA LEU C 146 -42.06 -31.73 4.98
C LEU C 146 -43.12 -31.59 3.88
N LYS C 147 -44.12 -30.74 4.11
CA LYS C 147 -45.33 -30.69 3.28
C LYS C 147 -45.10 -30.64 1.73
N PRO C 148 -44.26 -29.73 1.20
CA PRO C 148 -44.03 -29.60 -0.26
C PRO C 148 -43.36 -30.76 -0.88
N PHE C 149 -42.72 -31.59 -0.06
CA PHE C 149 -42.01 -32.72 -0.52
C PHE C 149 -42.84 -34.01 -0.44
N LEU C 150 -43.92 -34.02 0.32
CA LEU C 150 -44.68 -35.23 0.51
C LEU C 150 -45.81 -35.36 -0.52
N VAL C 151 -45.75 -36.38 -1.37
CA VAL C 151 -46.84 -36.67 -2.32
C VAL C 151 -47.54 -38.02 -2.11
N GLU C 152 -47.11 -38.72 -1.06
CA GLU C 152 -47.57 -40.07 -0.72
C GLU C 152 -48.52 -39.96 0.41
N SER C 153 -49.37 -40.97 0.53
CA SER C 153 -50.31 -40.99 1.64
C SER C 153 -49.61 -41.60 2.85
N CYS C 154 -48.61 -42.46 2.61
CA CYS C 154 -47.86 -43.13 3.66
C CYS C 154 -46.63 -42.34 4.10
N LYS C 155 -46.73 -41.68 5.25
CA LYS C 155 -45.63 -40.82 5.68
C LYS C 155 -44.41 -41.67 6.03
N GLU C 156 -44.66 -42.84 6.60
CA GLU C 156 -43.58 -43.66 7.10
C GLU C 156 -42.72 -44.22 5.99
N ALA C 157 -43.25 -44.32 4.79
CA ALA C 157 -42.47 -44.75 3.64
C ALA C 157 -41.52 -43.66 3.19
N PHE C 158 -41.88 -42.41 3.43
CA PHE C 158 -41.04 -41.31 3.08
C PHE C 158 -39.81 -41.26 4.01
N TRP C 159 -40.04 -41.42 5.31
CA TRP C 159 -38.93 -41.36 6.27
C TRP C 159 -37.99 -42.56 6.09
N ASP C 160 -38.57 -43.75 5.86
CA ASP C 160 -37.77 -44.96 5.52
C ASP C 160 -36.89 -44.82 4.29
N ARG C 161 -37.42 -44.17 3.26
CA ARG C 161 -36.67 -43.90 2.06
C ARG C 161 -35.54 -42.87 2.35
N CYS C 162 -35.82 -41.92 3.22
CA CYS C 162 -34.83 -40.91 3.62
C CYS C 162 -33.61 -41.58 4.24
N LEU C 163 -33.86 -42.50 5.19
CA LEU C 163 -32.78 -43.21 5.88
C LEU C 163 -32.01 -44.17 4.97
N SER C 164 -32.71 -44.80 4.07
CA SER C 164 -32.12 -45.69 3.09
C SER C 164 -31.19 -44.92 2.13
N VAL C 165 -31.61 -43.76 1.69
CA VAL C 165 -30.78 -42.89 0.86
C VAL C 165 -29.53 -42.36 1.59
N ILE C 166 -29.69 -41.92 2.84
CA ILE C 166 -28.57 -41.51 3.67
C ILE C 166 -27.57 -42.65 3.90
N ASN C 167 -28.07 -43.84 4.14
CA ASN C 167 -27.20 -45.00 4.31
C ASN C 167 -26.39 -45.29 3.05
N LEU C 168 -26.99 -45.09 1.91
CA LEU C 168 -26.28 -45.29 0.63
C LEU C 168 -25.35 -44.14 0.26
N MET C 169 -25.73 -42.90 0.60
CA MET C 169 -25.14 -41.76 -0.04
C MET C 169 -24.34 -40.84 0.85
N SER C 170 -24.37 -41.03 2.18
CA SER C 170 -23.78 -40.06 3.11
C SER C 170 -22.30 -39.76 2.72
N SER C 171 -21.59 -40.80 2.29
CA SER C 171 -20.20 -40.68 1.93
C SER C 171 -19.98 -39.79 0.70
N LYS C 172 -20.81 -40.02 -0.29
CA LYS C 172 -20.72 -39.28 -1.54
C LYS C 172 -21.21 -37.84 -1.40
N MET C 173 -22.16 -37.63 -0.49
CA MET C 173 -22.65 -36.30 -0.16
C MET C 173 -21.53 -35.42 0.42
N LEU C 174 -20.69 -36.01 1.24
CA LEU C 174 -19.54 -35.30 1.77
C LEU C 174 -18.41 -35.18 0.70
N GLN C 175 -18.09 -36.29 0.05
CA GLN C 175 -17.05 -36.33 -0.98
C GLN C 175 -17.23 -35.24 -2.06
N ILE C 176 -18.45 -35.02 -2.49
CA ILE C 176 -18.71 -34.06 -3.57
C ILE C 176 -18.41 -32.60 -3.12
N ASN C 177 -18.50 -32.37 -1.81
CA ASN C 177 -17.93 -31.18 -1.22
C ASN C 177 -16.43 -31.17 -1.06
N ALA C 178 -15.85 -32.24 -0.53
CA ALA C 178 -14.44 -32.26 -0.17
C ALA C 178 -13.50 -32.42 -1.38
N ASP C 179 -14.01 -33.00 -2.47
CA ASP C 179 -13.22 -33.36 -3.64
C ASP C 179 -13.71 -32.59 -4.89
N PRO C 180 -13.01 -31.53 -5.25
CA PRO C 180 -13.47 -30.66 -6.34
C PRO C 180 -13.42 -31.40 -7.68
N HIS C 181 -12.52 -32.38 -7.83
CA HIS C 181 -12.46 -33.18 -9.05
C HIS C 181 -13.65 -34.11 -9.22
N TYR C 182 -14.21 -34.55 -8.09
CA TYR C 182 -15.39 -35.39 -8.09
C TYR C 182 -16.60 -34.52 -8.48
N PHE C 183 -16.70 -33.33 -7.89
CA PHE C 183 -17.73 -32.38 -8.28
C PHE C 183 -17.70 -32.08 -9.79
N THR C 184 -16.51 -31.85 -10.32
CA THR C 184 -16.33 -31.52 -11.74
C THR C 184 -16.74 -32.70 -12.61
N GLN C 185 -16.38 -33.91 -12.20
CA GLN C 185 -16.77 -35.14 -12.91
C GLN C 185 -18.32 -35.31 -12.95
N VAL C 186 -18.99 -35.09 -11.83
CA VAL C 186 -20.46 -35.18 -11.75
C VAL C 186 -21.17 -34.12 -12.61
N PHE C 187 -20.63 -32.91 -12.59
CA PHE C 187 -21.11 -31.78 -13.37
C PHE C 187 -20.95 -32.06 -14.88
N SER C 188 -19.78 -32.59 -15.26
CA SER C 188 -19.56 -33.05 -16.62
C SER C 188 -20.53 -34.17 -17.06
N ASP C 189 -20.81 -35.12 -16.18
CA ASP C 189 -21.73 -36.21 -16.51
C ASP C 189 -23.13 -35.65 -16.72
N LEU C 190 -23.54 -34.73 -15.85
CA LEU C 190 -24.86 -34.13 -15.97
C LEU C 190 -24.99 -33.41 -17.30
N LYS C 191 -23.96 -32.67 -17.71
CA LYS C 191 -23.99 -31.97 -18.98
C LYS C 191 -24.16 -32.96 -20.13
N ASN C 192 -23.49 -34.10 -20.04
CA ASN C 192 -23.45 -35.08 -21.13
C ASN C 192 -24.75 -35.93 -21.14
N GLU C 193 -25.66 -35.66 -20.21
CA GLU C 193 -26.99 -36.24 -20.26
C GLU C 193 -27.91 -35.66 -21.32
N SER C 194 -27.58 -34.49 -21.86
CA SER C 194 -28.27 -33.93 -23.04
C SER C 194 -27.66 -34.42 -24.34
N GLY C 195 -26.47 -34.71 -24.47
N GLN D 46 23.96 24.74 -41.97
CA GLN D 46 23.20 23.55 -41.49
C GLN D 46 22.93 23.59 -40.00
N ALA D 47 23.19 24.75 -39.38
CA ALA D 47 22.85 25.04 -37.99
C ALA D 47 21.48 25.71 -37.92
N SER D 48 20.48 25.01 -38.44
CA SER D 48 19.11 25.51 -38.46
C SER D 48 18.32 24.80 -37.36
N THR D 49 17.41 25.53 -36.75
CA THR D 49 16.54 24.96 -35.72
C THR D 49 15.70 23.85 -36.33
N SER D 50 15.08 24.14 -37.49
CA SER D 50 14.18 23.20 -38.13
C SER D 50 14.85 21.89 -38.55
N GLU D 51 16.08 21.97 -39.07
CA GLU D 51 16.78 20.79 -39.59
C GLU D 51 17.35 19.90 -38.49
N LEU D 52 17.84 20.52 -37.41
CA LEU D 52 18.35 19.77 -36.26
C LEU D 52 17.23 18.98 -35.56
N LEU D 53 16.01 19.51 -35.57
CA LEU D 53 14.85 18.82 -34.99
C LEU D 53 14.42 17.66 -35.87
N ARG D 54 14.46 17.89 -37.19
CA ARG D 54 14.14 16.85 -38.18
C ARG D 54 15.18 15.72 -38.07
N CYS D 55 16.38 16.10 -37.65
CA CYS D 55 17.52 15.20 -37.47
C CYS D 55 17.28 14.28 -36.29
N LEU D 56 16.85 14.87 -35.17
CA LEU D 56 16.54 14.14 -33.95
C LEU D 56 15.28 13.31 -34.16
N GLY D 57 14.35 13.84 -34.96
CA GLY D 57 13.16 13.11 -35.34
C GLY D 57 13.51 11.79 -36.01
N GLU D 58 14.51 11.82 -36.89
CA GLU D 58 14.95 10.62 -37.61
C GLU D 58 15.81 9.71 -36.73
N PHE D 59 16.47 10.28 -35.73
CA PHE D 59 17.25 9.49 -34.78
C PHE D 59 16.34 8.61 -33.94
N LEU D 60 15.23 9.19 -33.46
CA LEU D 60 14.26 8.47 -32.63
C LEU D 60 13.47 7.42 -33.45
N CYS D 61 13.47 7.56 -34.78
CA CYS D 61 12.85 6.60 -35.69
C CYS D 61 13.74 5.36 -35.94
N ARG D 62 15.05 5.57 -35.93
CA ARG D 62 16.02 4.48 -36.06
C ARG D 62 16.18 3.72 -34.74
N ARG D 63 16.36 4.47 -33.65
CA ARG D 63 16.53 3.91 -32.31
C ARG D 63 15.33 3.05 -31.87
N CYS D 64 14.14 3.63 -31.97
CA CYS D 64 12.88 2.98 -31.58
C CYS D 64 12.23 2.24 -32.76
N TYR D 65 12.86 1.14 -33.18
CA TYR D 65 12.41 0.35 -34.33
C TYR D 65 11.10 -0.42 -34.11
N ARG D 66 10.74 -0.67 -32.85
CA ARG D 66 9.48 -1.35 -32.53
C ARG D 66 8.23 -0.49 -32.81
N LEU D 67 8.45 0.77 -33.21
CA LEU D 67 7.38 1.66 -33.65
C LEU D 67 7.46 1.85 -35.18
N LYS D 68 6.98 0.84 -35.91
CA LYS D 68 6.99 0.90 -37.37
C LYS D 68 6.17 2.10 -37.85
N HIS D 69 5.05 2.35 -37.18
CA HIS D 69 4.16 3.50 -37.47
C HIS D 69 4.64 4.76 -36.76
N LEU D 70 5.74 5.36 -37.24
CA LEU D 70 6.30 6.58 -36.64
C LEU D 70 7.04 7.43 -37.66
N SER D 71 6.41 8.53 -38.09
CA SER D 71 7.05 9.49 -38.99
C SER D 71 8.07 10.35 -38.24
N PRO D 72 9.09 10.84 -38.93
CA PRO D 72 10.13 11.67 -38.30
C PRO D 72 9.59 12.95 -37.66
N THR D 73 8.49 13.48 -38.19
CA THR D 73 7.92 14.73 -37.71
C THR D 73 7.09 14.57 -36.43
N ASP D 74 6.78 13.33 -36.04
CA ASP D 74 5.94 13.09 -34.85
C ASP D 74 6.61 13.55 -33.54
N PRO D 75 7.84 13.10 -33.26
CA PRO D 75 8.60 13.64 -32.13
C PRO D 75 8.78 15.16 -32.17
N VAL D 76 9.04 15.70 -33.36
CA VAL D 76 9.20 17.13 -33.57
C VAL D 76 7.94 17.90 -33.18
N LEU D 77 6.77 17.33 -33.51
CA LEU D 77 5.48 17.96 -33.21
C LEU D 77 5.36 18.18 -31.71
N TRP D 78 5.75 17.17 -30.93
CA TRP D 78 5.62 17.19 -29.48
C TRP D 78 6.51 18.24 -28.83
N LEU D 79 7.75 18.34 -29.33
CA LEU D 79 8.74 19.29 -28.82
C LEU D 79 8.33 20.73 -29.12
N ARG D 80 7.71 20.94 -30.27
CA ARG D 80 7.18 22.25 -30.63
C ARG D 80 5.92 22.57 -29.82
N SER D 81 5.15 21.53 -29.46
CA SER D 81 3.92 21.71 -28.68
C SER D 81 4.23 22.10 -27.23
N VAL D 82 5.23 21.45 -26.63
CA VAL D 82 5.67 21.76 -25.28
C VAL D 82 6.16 23.21 -25.19
N ASP D 83 7.02 23.59 -26.14
CA ASP D 83 7.62 24.93 -26.20
C ASP D 83 6.61 26.05 -26.51
N ARG D 84 5.60 25.72 -27.32
CA ARG D 84 4.53 26.66 -27.69
C ARG D 84 3.60 26.95 -26.52
N SER D 85 3.18 25.90 -25.80
CA SER D 85 2.24 26.04 -24.68
C SER D 85 2.87 26.71 -23.46
N LEU D 86 4.20 26.67 -23.35
CA LEU D 86 4.90 27.39 -22.28
C LEU D 86 4.91 28.87 -22.59
N LEU D 87 5.27 29.22 -23.82
CA LEU D 87 5.25 30.62 -24.26
C LEU D 87 3.87 31.28 -24.13
N LEU D 88 2.82 30.53 -24.46
CA LEU D 88 1.44 31.06 -24.50
C LEU D 88 0.75 31.03 -23.12
N GLN D 89 1.11 30.07 -22.28
CA GLN D 89 0.58 30.01 -20.91
C GLN D 89 1.31 31.06 -20.03
N GLY D 90 2.48 31.52 -20.49
CA GLY D 90 3.20 32.61 -19.85
C GLY D 90 4.31 32.23 -18.87
N TRP D 91 4.83 31.01 -18.99
CA TRP D 91 5.94 30.54 -18.17
C TRP D 91 7.29 30.75 -18.87
N GLN D 92 7.28 31.47 -19.98
CA GLN D 92 8.51 32.00 -20.59
C GLN D 92 8.21 33.08 -21.63
N ASP D 93 9.20 33.93 -21.88
CA ASP D 93 9.04 35.06 -22.80
C ASP D 93 9.61 34.79 -24.19
N GLN D 94 10.47 33.77 -24.29
CA GLN D 94 10.97 33.32 -25.58
C GLN D 94 11.15 31.79 -25.60
N GLY D 95 11.16 31.24 -26.81
CA GLY D 95 11.27 29.82 -27.00
C GLY D 95 12.62 29.27 -26.57
N PHE D 96 12.57 28.09 -25.98
CA PHE D 96 13.76 27.35 -25.57
C PHE D 96 14.39 26.55 -26.72
N ILE D 97 13.58 26.18 -27.72
CA ILE D 97 14.06 25.33 -28.82
C ILE D 97 15.02 26.11 -29.75
N THR D 98 16.31 25.81 -29.61
CA THR D 98 17.36 26.45 -30.41
C THR D 98 18.35 25.42 -30.88
N PRO D 99 19.21 25.78 -31.86
CA PRO D 99 20.31 24.92 -32.28
C PRO D 99 21.12 24.30 -31.13
N ALA D 100 21.52 25.13 -30.16
CA ALA D 100 22.32 24.66 -29.04
C ALA D 100 21.54 23.68 -28.15
N ASN D 101 20.29 24.00 -27.86
CA ASN D 101 19.46 23.22 -26.93
C ASN D 101 18.92 21.94 -27.52
N VAL D 102 18.81 21.88 -28.84
CA VAL D 102 18.44 20.64 -29.53
C VAL D 102 19.59 19.65 -29.39
N VAL D 103 20.83 20.14 -29.55
CA VAL D 103 22.03 19.32 -29.42
C VAL D 103 22.16 18.79 -28.00
N PHE D 104 21.95 19.65 -27.02
CA PHE D 104 21.88 19.24 -25.62
C PHE D 104 20.85 18.14 -25.37
N LEU D 105 19.64 18.35 -25.89
CA LEU D 105 18.56 17.37 -25.74
C LEU D 105 18.90 16.03 -26.38
N TYR D 106 19.52 16.09 -27.55
CA TYR D 106 19.90 14.89 -28.31
C TYR D 106 20.96 14.12 -27.55
N MET D 107 21.88 14.85 -26.94
CA MET D 107 22.94 14.27 -26.13
C MET D 107 22.36 13.49 -24.93
N LEU D 108 21.26 13.99 -24.38
CA LEU D 108 20.53 13.28 -23.33
C LEU D 108 19.75 12.08 -23.91
N CYS D 109 19.12 12.28 -25.06
CA CYS D 109 18.23 11.29 -25.65
C CYS D 109 18.99 10.04 -26.11
N ARG D 110 20.19 10.23 -26.64
CA ARG D 110 20.95 9.15 -27.26
C ARG D 110 21.52 8.18 -26.23
N ASP D 111 21.65 8.63 -24.99
CA ASP D 111 22.18 7.79 -23.91
C ASP D 111 21.12 7.15 -23.01
N VAL D 112 19.86 7.52 -23.20
CA VAL D 112 18.81 7.15 -22.24
C VAL D 112 17.66 6.35 -22.86
N ILE D 113 17.18 6.75 -24.03
CA ILE D 113 16.02 6.08 -24.64
C ILE D 113 16.43 4.71 -25.19
N SER D 114 15.88 3.64 -24.60
CA SER D 114 16.18 2.28 -25.05
C SER D 114 15.70 2.08 -26.49
N SER D 115 16.35 1.14 -27.17
CA SER D 115 16.01 0.79 -28.56
C SER D 115 14.75 -0.08 -28.63
N GLU D 116 14.27 -0.51 -27.46
CA GLU D 116 13.14 -1.41 -27.33
C GLU D 116 11.99 -0.71 -26.61
N VAL D 117 11.28 0.14 -27.35
CA VAL D 117 10.19 0.97 -26.82
C VAL D 117 8.87 0.33 -27.25
N GLY D 118 8.21 -0.32 -26.30
CA GLY D 118 7.05 -1.16 -26.59
C GLY D 118 5.80 -0.41 -27.05
N SER D 119 5.71 0.88 -26.74
CA SER D 119 4.52 1.66 -27.06
C SER D 119 4.85 3.09 -27.49
N ASP D 120 3.93 3.69 -28.24
CA ASP D 120 4.04 5.09 -28.64
C ASP D 120 3.99 6.00 -27.39
N HIS D 121 3.21 5.58 -26.41
CA HIS D 121 3.08 6.26 -25.12
C HIS D 121 4.44 6.46 -24.45
N GLU D 122 5.25 5.40 -24.43
CA GLU D 122 6.54 5.44 -23.72
C GLU D 122 7.51 6.44 -24.33
N LEU D 123 7.59 6.49 -25.67
CA LEU D 123 8.54 7.39 -26.33
C LEU D 123 8.32 8.83 -25.87
N GLN D 124 7.06 9.23 -25.77
CA GLN D 124 6.71 10.56 -25.31
C GLN D 124 7.16 10.77 -23.86
N ALA D 125 6.94 9.76 -23.01
CA ALA D 125 7.26 9.88 -21.58
C ALA D 125 8.74 10.12 -21.32
N VAL D 126 9.60 9.42 -22.05
CA VAL D 126 11.05 9.54 -21.86
C VAL D 126 11.58 10.85 -22.47
N LEU D 127 11.11 11.19 -23.66
CA LEU D 127 11.56 12.36 -24.41
C LEU D 127 11.18 13.67 -23.73
N LEU D 128 9.99 13.70 -23.13
CA LEU D 128 9.50 14.86 -22.37
C LEU D 128 10.22 15.00 -21.01
N THR D 129 10.74 13.88 -20.50
CA THR D 129 11.60 13.88 -19.32
C THR D 129 12.99 14.44 -19.65
N CYS D 130 13.57 13.99 -20.76
CA CYS D 130 14.86 14.53 -21.22
C CYS D 130 14.75 16.03 -21.50
N LEU D 131 13.59 16.43 -22.01
CA LEU D 131 13.29 17.82 -22.30
C LEU D 131 13.15 18.62 -21.01
N TYR D 132 12.49 18.04 -20.01
CA TYR D 132 12.31 18.74 -18.74
C TYR D 132 13.68 19.06 -18.12
N LEU D 133 14.59 18.12 -18.20
CA LEU D 133 15.94 18.32 -17.68
C LEU D 133 16.69 19.36 -18.47
N SER D 134 16.44 19.43 -19.77
CA SER D 134 17.14 20.37 -20.64
C SER D 134 16.71 21.81 -20.31
N TYR D 135 15.41 22.01 -20.11
CA TYR D 135 14.88 23.29 -19.65
C TYR D 135 15.47 23.62 -18.29
N SER D 136 15.58 22.61 -17.42
CA SER D 136 15.97 22.83 -16.03
C SER D 136 17.43 23.26 -15.92
N TYR D 137 18.26 22.70 -16.80
CA TYR D 137 19.70 22.86 -16.72
C TYR D 137 20.21 24.06 -17.52
N MET D 138 19.50 24.37 -18.62
CA MET D 138 19.96 25.33 -19.63
C MET D 138 19.00 26.50 -19.89
N GLY D 139 17.78 26.40 -19.40
CA GLY D 139 16.79 27.43 -19.63
C GLY D 139 17.05 28.69 -18.83
N ASN D 140 16.22 29.70 -19.02
CA ASN D 140 16.40 31.00 -18.37
C ASN D 140 15.39 31.32 -17.27
N GLU D 141 14.48 30.39 -16.99
CA GLU D 141 13.53 30.55 -15.90
C GLU D 141 13.92 29.62 -14.75
N ILE D 142 13.70 30.05 -13.51
CA ILE D 142 14.11 29.24 -12.35
C ILE D 142 13.14 28.08 -12.14
N SER D 143 11.87 28.29 -12.48
CA SER D 143 10.84 27.27 -12.36
C SER D 143 10.18 26.95 -13.70
N TYR D 144 10.09 25.66 -14.03
CA TYR D 144 9.30 25.20 -15.15
C TYR D 144 8.24 24.20 -14.65
N PRO D 145 7.01 24.33 -15.13
CA PRO D 145 5.91 23.48 -14.65
C PRO D 145 6.02 22.05 -15.18
N LEU D 146 5.44 21.12 -14.43
CA LEU D 146 5.47 19.70 -14.78
C LEU D 146 4.42 19.33 -15.83
N LYS D 147 3.20 19.86 -15.65
CA LYS D 147 2.02 19.47 -16.45
C LYS D 147 2.24 19.33 -17.97
N PRO D 148 2.82 20.35 -18.63
CA PRO D 148 3.15 20.22 -20.06
C PRO D 148 4.10 19.07 -20.40
N PHE D 149 4.99 18.71 -19.47
CA PHE D 149 5.95 17.62 -19.67
C PHE D 149 5.41 16.26 -19.17
N LEU D 150 4.19 16.21 -18.66
CA LEU D 150 3.61 14.97 -18.13
C LEU D 150 2.64 14.30 -19.11
N VAL D 151 2.93 13.03 -19.41
CA VAL D 151 2.08 12.16 -20.23
C VAL D 151 1.85 10.79 -19.57
N GLU D 152 2.66 10.48 -18.55
CA GLU D 152 2.43 9.33 -17.68
C GLU D 152 1.24 9.54 -16.77
N SER D 153 0.75 8.46 -16.18
CA SER D 153 -0.33 8.52 -15.20
C SER D 153 0.25 8.82 -13.83
N CYS D 154 1.18 7.96 -13.40
CA CYS D 154 1.77 8.07 -12.07
C CYS D 154 2.94 9.09 -12.08
N LYS D 155 2.97 9.93 -11.06
CA LYS D 155 3.91 11.04 -10.96
C LYS D 155 5.28 10.55 -10.50
N GLU D 156 5.31 9.69 -9.48
CA GLU D 156 6.55 9.17 -8.90
C GLU D 156 7.52 8.57 -9.95
N ALA D 157 7.00 8.04 -11.05
CA ALA D 157 7.81 7.50 -12.13
C ALA D 157 8.56 8.60 -12.88
N PHE D 158 7.88 9.71 -13.18
CA PHE D 158 8.49 10.85 -13.86
C PHE D 158 9.68 11.41 -13.09
N TRP D 159 9.52 11.58 -11.79
CA TRP D 159 10.55 12.20 -10.97
C TRP D 159 11.75 11.26 -10.78
N ASP D 160 11.49 9.97 -10.58
CA ASP D 160 12.56 8.99 -10.39
C ASP D 160 13.40 8.81 -11.66
N ARG D 161 12.81 9.06 -12.83
CA ARG D 161 13.54 8.96 -14.09
C ARG D 161 14.43 10.19 -14.29
N CYS D 162 13.94 11.35 -13.88
CA CYS D 162 14.75 12.56 -13.84
C CYS D 162 16.04 12.33 -13.05
N LEU D 163 15.89 11.74 -11.87
CA LEU D 163 17.01 11.47 -10.97
C LEU D 163 18.00 10.48 -11.58
N SER D 164 17.47 9.49 -12.30
CA SER D 164 18.30 8.42 -12.90
C SER D 164 19.07 8.94 -14.11
N VAL D 165 18.46 9.87 -14.84
CA VAL D 165 19.14 10.52 -15.95
C VAL D 165 20.23 11.48 -15.45
N ILE D 166 20.00 12.12 -14.30
CA ILE D 166 21.01 13.01 -13.70
C ILE D 166 22.22 12.19 -13.26
N ASN D 167 21.95 11.03 -12.69
CA ASN D 167 23.02 10.17 -12.20
C ASN D 167 23.97 9.77 -13.33
N LEU D 168 23.38 9.49 -14.48
CA LEU D 168 24.11 8.99 -15.64
C LEU D 168 24.78 10.13 -16.40
N MET D 169 24.09 11.27 -16.49
CA MET D 169 24.44 12.28 -17.49
C MET D 169 24.99 13.60 -16.93
N SER D 170 25.16 13.70 -15.61
CA SER D 170 25.53 14.99 -14.99
C SER D 170 26.89 15.53 -15.44
N SER D 171 27.89 14.65 -15.55
CA SER D 171 29.22 15.11 -15.97
C SER D 171 29.20 15.60 -17.44
N LYS D 172 28.42 14.93 -18.29
CA LYS D 172 28.25 15.35 -19.68
C LYS D 172 27.45 16.65 -19.86
N MET D 173 26.50 16.89 -18.98
CA MET D 173 25.73 18.12 -19.00
C MET D 173 26.65 19.33 -18.74
N LEU D 174 27.61 19.14 -17.84
CA LEU D 174 28.62 20.16 -17.59
C LEU D 174 29.65 20.25 -18.72
N GLN D 175 30.11 19.08 -19.20
CA GLN D 175 31.16 18.96 -20.22
C GLN D 175 30.80 19.67 -21.52
N ILE D 176 29.55 19.53 -21.93
CA ILE D 176 29.11 20.10 -23.20
C ILE D 176 29.13 21.64 -23.16
N ASN D 177 28.93 22.21 -21.95
CA ASN D 177 29.14 23.64 -21.70
C ASN D 177 30.62 24.04 -21.55
N ALA D 178 31.44 23.24 -20.87
CA ALA D 178 32.83 23.63 -20.60
C ALA D 178 33.77 23.33 -21.78
N ASP D 179 33.45 22.31 -22.57
CA ASP D 179 34.30 21.82 -23.65
C ASP D 179 33.67 22.12 -25.03
N PRO D 180 34.10 23.21 -25.66
CA PRO D 180 33.55 23.63 -26.97
C PRO D 180 33.76 22.62 -28.11
N HIS D 181 34.81 21.79 -28.00
CA HIS D 181 35.08 20.76 -28.99
C HIS D 181 34.20 19.52 -28.81
N TYR D 182 33.71 19.30 -27.58
CA TYR D 182 32.76 18.21 -27.29
C TYR D 182 31.35 18.57 -27.76
N PHE D 183 31.00 19.84 -27.60
CA PHE D 183 29.76 20.36 -28.14
C PHE D 183 29.71 20.11 -29.65
N THR D 184 30.84 20.34 -30.32
CA THR D 184 30.93 20.13 -31.78
C THR D 184 30.82 18.65 -32.13
N GLN D 185 31.51 17.82 -31.37
CA GLN D 185 31.49 16.36 -31.55
C GLN D 185 30.05 15.83 -31.47
N VAL D 186 29.23 16.39 -30.58
CA VAL D 186 27.83 16.00 -30.46
C VAL D 186 27.01 16.63 -31.58
N PHE D 187 27.35 17.87 -31.95
CA PHE D 187 26.69 18.61 -33.02
C PHE D 187 26.92 17.93 -34.39
N SER D 188 28.07 17.29 -34.54
CA SER D 188 28.40 16.51 -35.74
C SER D 188 27.59 15.22 -35.76
N ASP D 189 27.47 14.58 -34.59
CA ASP D 189 26.76 13.30 -34.49
C ASP D 189 25.29 13.41 -34.87
N LEU D 190 24.64 14.46 -34.38
CA LEU D 190 23.22 14.70 -34.67
C LEU D 190 22.97 14.89 -36.17
N LYS D 191 23.87 15.64 -36.82
CA LYS D 191 23.77 15.94 -38.26
C LYS D 191 24.25 14.78 -39.17
N ASN D 192 24.80 13.73 -38.57
CA ASN D 192 25.12 12.49 -39.28
C ASN D 192 23.94 11.48 -39.33
N GLU D 193 22.78 11.91 -38.84
CA GLU D 193 21.59 11.06 -38.76
C GLU D 193 20.79 10.97 -40.06
N SER D 194 21.24 11.64 -41.12
CA SER D 194 20.67 11.48 -42.45
C SER D 194 21.56 12.12 -43.52
N GLY D 195 21.88 13.32 -43.41
OAP RRC E . -25.37 -31.02 26.24
CAQ RRC E . -26.72 -30.65 26.20
CAR RRC E . -27.53 -31.83 26.77
CAK RRC E . -28.99 -31.36 26.89
CAI RRC E . -29.98 -32.16 26.08
NAS RRC E . -27.34 -32.87 25.78
CAT RRC E . -26.64 -34.03 25.94
NAU RRC E . -26.55 -34.88 24.89
CAV RRC E . -25.87 -36.04 25.04
NAW RRC E . -25.66 -36.96 24.13
CAZ RRC E . -26.25 -36.71 22.80
CAY RRC E . -25.09 -36.52 21.82
CBA RRC E . -27.32 -37.74 22.51
CAX RRC E . -24.91 -37.94 24.70
CAN RRC E . -25.29 -36.42 26.19
NAO RRC E . -24.68 -37.67 26.04
NAL RRC E . -26.06 -34.38 27.11
CAM RRC E . -25.39 -35.54 27.26
NAJ RRC E . -24.77 -35.85 28.40
CAD RRC E . -24.52 -34.88 29.45
CAE RRC E . -25.59 -34.83 30.52
CAG RRC E . -26.08 -33.60 30.98
CAH RRC E . -27.05 -33.55 31.97
CAF RRC E . -27.53 -34.75 32.54
CAC RRC E . -27.03 -35.97 32.10
CAB RRC E . -26.06 -36.02 31.09
#